data_9IPB
#
_entry.id   9IPB
#
_cell.length_a   1.00
_cell.length_b   1.00
_cell.length_c   1.00
_cell.angle_alpha   90.00
_cell.angle_beta   90.00
_cell.angle_gamma   90.00
#
_symmetry.space_group_name_H-M   'P 1'
#
loop_
_entity.id
_entity.type
_entity.pdbx_description
1 polymer 'Epidermal growth factor receptor'
2 polymer '528 Fv from LH-type bispecific diabody Ex3'
3 branched 2-acetamido-2-deoxy-beta-D-glucopyranose-(1-4)-2-acetamido-2-deoxy-beta-D-glucopyranose
4 non-polymer 2-acetamido-2-deoxy-beta-D-glucopyranose
#
loop_
_entity_poly.entity_id
_entity_poly.type
_entity_poly.pdbx_seq_one_letter_code
_entity_poly.pdbx_strand_id
1 'polypeptide(L)'
;LEEKKVCQGTSNKLTQLGTFEDHFLSLQRMFNNCEVVLGNLEITYVQRNYDLSFLKTIQEVAGYVLIALNTVERIPLENL
QIIRGNMYYENSYALAVLSNYDANKTGLKELPMRNLQEILHGAVRFSNNPALCNVESIQWRDIVSSDFLSNMSMDFQNHL
GSCQKCDPSCPNGSCWGAGEENCQKLTKIICAQQCSGRCRGKSPSDCCHNQCAAGCTGPRESDCLVCRKFRDEATCKDTC
PPLMLYNPTTYQMDVNPEGKYSFGATCVKKCPRNYVVTDHGSCVRACGADSYEMEEDGVRKCKKCEGPCRKVCNGIGIGE
FKDSLSINATNIKHFKNCTSISGDLHILPVAFRGDSFTHTPPLDPQELDILKTVKEITGFLLIQAWPENRTDLHAFENLE
IIRGRTKQHGQFSLAVVSLNITSLGLRSLKEISDGDVIISGNKNLCYANTINWKKLFGTSGQKTKIISNRGENSCKATGQ
VCHALCSPEGCWGPEPRDCVSCRNVSRGRECVDKCNLLEGEPREFVENSECIQCHPECLPQAMNITCTGRGPDNCIQCAH
YIDGPHCVKTCPAGVMGENNTLVWKYADAGHVCHLCHPNCTYGCTGPGLEGCPTNGPKIPSHHHHHH
;
A
2 'polypeptide(L)'
;QVQLVQSGAEVKKPGASVKVSCKASGYTFTSYWMHWVRQAPGQGLEWMGNIWPGSGGTNYAEKFKNRVTMTRDTSISTAY
MELSRLRSDDTAVYYCARSGGPYFFDYWGQGTLVTVSSGGGGSGGGGSGGGGSGGGGSDIVMTQSPLSLPVTPGEPASIS
CRSSQNIVHNNGITYLEWYLQKPGQSPQLLIYKVSDRFSGVPDRFSGSGSGTDFTLKISRVEAEDVGVYYCFQGSHIPPT
FGQGTKVEIK
;
D
#
loop_
_chem_comp.id
_chem_comp.type
_chem_comp.name
_chem_comp.formula
NAG D-saccharide, beta linking 2-acetamido-2-deoxy-beta-D-glucopyranose 'C8 H15 N O6'
#
# COMPACT_ATOMS: atom_id res chain seq x y z
N LYS A 4 0.45 -34.49 -19.56
CA LYS A 4 -0.75 -34.38 -18.75
C LYS A 4 -1.17 -32.92 -18.64
N LYS A 5 -2.42 -32.63 -19.01
CA LYS A 5 -2.92 -31.26 -18.89
C LYS A 5 -2.99 -30.86 -17.42
N VAL A 6 -2.74 -29.58 -17.16
CA VAL A 6 -2.59 -29.09 -15.80
C VAL A 6 -3.49 -27.89 -15.57
N CYS A 7 -3.84 -27.65 -14.31
CA CYS A 7 -4.60 -26.50 -13.89
C CYS A 7 -4.02 -25.95 -12.59
N GLN A 8 -4.26 -24.66 -12.35
CA GLN A 8 -3.63 -23.97 -11.22
C GLN A 8 -4.21 -24.37 -9.87
N THR A 19 -23.80 -17.85 -7.57
CA THR A 19 -24.84 -18.87 -7.55
C THR A 19 -24.23 -20.25 -7.69
N PHE A 20 -25.02 -21.27 -7.35
CA PHE A 20 -24.56 -22.64 -7.52
C PHE A 20 -24.32 -22.94 -8.99
N GLU A 21 -25.16 -22.39 -9.87
CA GLU A 21 -24.93 -22.54 -11.31
C GLU A 21 -23.62 -21.92 -11.72
N ASP A 22 -23.33 -20.70 -11.23
CA ASP A 22 -22.05 -20.05 -11.55
C ASP A 22 -20.87 -20.82 -10.99
N HIS A 23 -21.05 -21.37 -9.78
CA HIS A 23 -19.98 -22.20 -9.17
C HIS A 23 -19.65 -23.38 -10.08
N PHE A 24 -20.67 -24.18 -10.43
CA PHE A 24 -20.42 -25.41 -11.24
C PHE A 24 -19.70 -25.02 -12.53
N LEU A 25 -20.15 -23.96 -13.19
CA LEU A 25 -19.55 -23.57 -14.49
C LEU A 25 -18.06 -23.30 -14.27
N SER A 26 -17.72 -22.44 -13.31
CA SER A 26 -16.30 -22.08 -13.07
C SER A 26 -15.50 -23.32 -12.67
N LEU A 27 -16.03 -24.12 -11.73
CA LEU A 27 -15.33 -25.34 -11.28
C LEU A 27 -15.06 -26.25 -12.48
N GLN A 28 -16.10 -26.57 -13.26
CA GLN A 28 -15.93 -27.48 -14.42
C GLN A 28 -14.96 -26.85 -15.42
N ARG A 29 -15.03 -25.53 -15.60
CA ARG A 29 -14.16 -24.84 -16.54
C ARG A 29 -12.70 -24.95 -16.15
N MET A 30 -12.42 -24.84 -14.86
CA MET A 30 -11.01 -24.88 -14.37
C MET A 30 -10.61 -26.33 -14.06
N PHE A 31 -11.47 -27.30 -14.40
CA PHE A 31 -11.14 -28.70 -14.02
C PHE A 31 -11.57 -29.71 -15.09
N ASN A 32 -12.27 -29.29 -16.15
CA ASN A 32 -12.68 -30.35 -17.09
C ASN A 32 -11.48 -30.99 -17.77
N ASN A 33 -10.55 -30.19 -18.26
CA ASN A 33 -9.40 -30.70 -18.99
C ASN A 33 -8.23 -31.06 -18.07
N CYS A 34 -8.31 -30.71 -16.79
CA CYS A 34 -7.18 -30.93 -15.88
C CYS A 34 -6.92 -32.41 -15.68
N GLU A 35 -5.64 -32.77 -15.57
CA GLU A 35 -5.23 -34.12 -15.27
C GLU A 35 -4.33 -34.12 -14.03
N VAL A 36 -3.56 -33.05 -13.87
CA VAL A 36 -2.70 -32.85 -12.71
C VAL A 36 -3.00 -31.45 -12.19
N VAL A 37 -3.51 -31.36 -10.95
CA VAL A 37 -3.86 -30.04 -10.35
C VAL A 37 -2.65 -29.54 -9.55
N LEU A 38 -2.10 -28.39 -9.92
CA LEU A 38 -0.90 -27.86 -9.23
C LEU A 38 -1.32 -27.21 -7.90
N GLY A 39 -2.63 -27.02 -7.70
CA GLY A 39 -3.13 -26.38 -6.47
C GLY A 39 -4.03 -27.30 -5.68
N ASN A 40 -5.19 -26.82 -5.24
CA ASN A 40 -6.08 -27.60 -4.40
C ASN A 40 -7.39 -27.84 -5.12
N LEU A 41 -7.81 -29.11 -5.17
CA LEU A 41 -9.08 -29.48 -5.79
C LEU A 41 -10.19 -29.23 -4.77
N GLU A 42 -11.01 -28.21 -5.04
CA GLU A 42 -12.08 -27.84 -4.06
C GLU A 42 -13.45 -27.90 -4.74
N ILE A 43 -14.20 -28.99 -4.51
CA ILE A 43 -15.58 -29.12 -5.06
C ILE A 43 -16.56 -28.73 -3.96
N THR A 44 -17.10 -27.50 -3.97
CA THR A 44 -17.96 -27.05 -2.85
C THR A 44 -19.13 -26.24 -3.36
N TYR A 45 -20.33 -26.44 -2.81
CA TYR A 45 -21.53 -25.64 -3.16
C TYR A 45 -22.01 -25.97 -4.57
N VAL A 46 -22.35 -27.24 -4.79
CA VAL A 46 -22.92 -27.65 -6.11
C VAL A 46 -24.37 -28.08 -5.84
N GLN A 47 -25.31 -27.64 -6.69
CA GLN A 47 -26.72 -27.92 -6.48
C GLN A 47 -27.07 -29.32 -6.99
N ARG A 48 -28.33 -29.71 -6.79
CA ARG A 48 -28.77 -31.06 -7.08
C ARG A 48 -28.76 -31.34 -8.59
N ASN A 49 -28.25 -32.52 -8.95
CA ASN A 49 -28.36 -33.05 -10.33
C ASN A 49 -27.85 -32.07 -11.36
N TYR A 50 -26.70 -31.44 -11.07
CA TYR A 50 -26.06 -30.55 -12.03
C TYR A 50 -24.63 -30.95 -12.34
N ASP A 51 -24.06 -31.89 -11.60
CA ASP A 51 -22.73 -32.41 -11.91
C ASP A 51 -22.84 -33.53 -12.93
N LEU A 52 -22.08 -33.43 -14.02
CA LEU A 52 -22.13 -34.45 -15.07
C LEU A 52 -20.73 -34.54 -15.70
N SER A 53 -19.89 -35.41 -15.14
CA SER A 53 -18.50 -35.63 -15.64
C SER A 53 -17.77 -34.29 -15.81
N PHE A 54 -17.98 -33.33 -14.89
CA PHE A 54 -17.26 -32.02 -14.96
C PHE A 54 -15.78 -32.25 -14.63
N LEU A 55 -15.47 -33.10 -13.64
CA LEU A 55 -14.06 -33.40 -13.28
C LEU A 55 -13.90 -34.91 -13.01
N LYS A 56 -13.50 -35.67 -14.03
CA LYS A 56 -13.32 -37.14 -13.92
C LYS A 56 -11.91 -37.55 -14.34
N THR A 57 -11.19 -36.70 -15.11
CA THR A 57 -9.86 -37.03 -15.66
C THR A 57 -8.75 -36.68 -14.69
N ILE A 58 -9.07 -36.04 -13.56
CA ILE A 58 -8.02 -35.58 -12.60
C ILE A 58 -7.30 -36.83 -12.06
N GLN A 59 -5.97 -36.86 -12.13
CA GLN A 59 -5.16 -37.96 -11.62
C GLN A 59 -4.13 -37.52 -10.58
N GLU A 60 -4.04 -36.22 -10.28
CA GLU A 60 -3.01 -35.74 -9.37
C GLU A 60 -3.38 -34.34 -8.89
N VAL A 61 -3.38 -34.16 -7.57
CA VAL A 61 -3.68 -32.82 -6.98
C VAL A 61 -2.47 -32.44 -6.10
N ALA A 62 -1.73 -31.40 -6.50
CA ALA A 62 -0.59 -30.92 -5.70
C ALA A 62 -1.12 -29.99 -4.60
N GLY A 63 -1.86 -30.56 -3.65
CA GLY A 63 -2.46 -29.75 -2.57
C GLY A 63 -3.43 -30.58 -1.78
N TYR A 64 -4.63 -30.05 -1.54
CA TYR A 64 -5.65 -30.78 -0.80
C TYR A 64 -6.93 -30.89 -1.63
N VAL A 65 -7.66 -31.99 -1.48
CA VAL A 65 -8.96 -32.22 -2.18
C VAL A 65 -10.11 -31.92 -1.20
N LEU A 66 -10.73 -30.74 -1.29
CA LEU A 66 -11.84 -30.31 -0.39
C LEU A 66 -13.20 -30.53 -1.08
N ILE A 67 -13.89 -31.62 -0.77
CA ILE A 67 -15.25 -31.84 -1.33
C ILE A 67 -16.24 -31.54 -0.20
N ALA A 68 -16.77 -30.30 -0.14
CA ALA A 68 -17.62 -29.91 1.01
C ALA A 68 -18.99 -29.44 0.54
N LEU A 69 -20.04 -29.73 1.31
CA LEU A 69 -21.42 -29.24 0.98
C LEU A 69 -21.76 -29.55 -0.48
N ASN A 70 -21.60 -30.80 -0.91
CA ASN A 70 -21.96 -31.21 -2.29
C ASN A 70 -23.30 -31.96 -2.25
N THR A 71 -24.34 -31.39 -2.84
CA THR A 71 -25.68 -32.01 -2.78
C THR A 71 -25.78 -33.09 -3.83
N VAL A 72 -24.90 -33.06 -4.84
CA VAL A 72 -24.97 -34.05 -5.96
C VAL A 72 -24.82 -35.47 -5.40
N GLU A 73 -25.45 -36.46 -6.07
CA GLU A 73 -25.37 -37.83 -5.60
C GLU A 73 -23.99 -38.43 -5.80
N ARG A 74 -23.27 -38.00 -6.84
CA ARG A 74 -21.97 -38.66 -7.11
C ARG A 74 -20.92 -37.66 -7.61
N ILE A 75 -19.82 -37.50 -6.86
CA ILE A 75 -18.71 -36.64 -7.34
C ILE A 75 -17.68 -37.59 -7.99
N PRO A 76 -17.49 -37.55 -9.33
CA PRO A 76 -16.58 -38.48 -9.97
C PRO A 76 -15.15 -38.05 -9.70
N LEU A 77 -14.31 -38.98 -9.22
CA LEU A 77 -12.87 -38.70 -8.98
C LEU A 77 -12.17 -40.06 -8.97
N GLU A 78 -12.65 -40.97 -9.83
CA GLU A 78 -12.09 -42.34 -9.86
C GLU A 78 -10.62 -42.31 -10.28
N ASN A 79 -10.29 -41.56 -11.33
CA ASN A 79 -8.90 -41.55 -11.87
C ASN A 79 -7.90 -40.98 -10.86
N LEU A 80 -8.35 -40.16 -9.92
CA LEU A 80 -7.43 -39.51 -8.98
C LEU A 80 -6.49 -40.52 -8.35
N GLN A 81 -5.20 -40.41 -8.67
CA GLN A 81 -4.21 -41.38 -8.22
C GLN A 81 -3.57 -41.00 -6.88
N ILE A 82 -3.32 -39.72 -6.65
CA ILE A 82 -2.60 -39.29 -5.46
C ILE A 82 -2.87 -37.81 -5.23
N ILE A 83 -3.01 -37.44 -3.96
CA ILE A 83 -3.04 -36.05 -3.53
C ILE A 83 -1.71 -35.75 -2.86
N ARG A 84 -1.00 -34.74 -3.39
CA ARG A 84 0.36 -34.47 -2.92
C ARG A 84 0.37 -34.00 -1.47
N GLY A 85 -0.48 -33.02 -1.14
CA GLY A 85 -0.49 -32.46 0.19
C GLY A 85 0.38 -31.24 0.37
N ASN A 86 0.69 -30.51 -0.71
CA ASN A 86 1.49 -29.31 -0.59
C ASN A 86 0.81 -28.24 0.25
N MET A 87 -0.51 -28.29 0.37
CA MET A 87 -1.28 -27.40 1.23
C MET A 87 -2.24 -28.25 2.05
N TYR A 88 -2.99 -27.59 2.94
CA TYR A 88 -3.96 -28.28 3.78
C TYR A 88 -5.22 -27.43 3.90
N TYR A 89 -6.34 -28.10 4.16
CA TYR A 89 -7.61 -27.40 4.32
C TYR A 89 -7.58 -26.53 5.58
N GLU A 90 -7.43 -27.15 6.75
CA GLU A 90 -7.20 -26.41 7.99
C GLU A 90 -5.84 -26.71 8.57
N ASN A 91 -5.53 -27.99 8.84
CA ASN A 91 -4.21 -28.40 9.30
C ASN A 91 -4.11 -29.90 9.14
N SER A 92 -3.08 -30.36 8.41
CA SER A 92 -2.91 -31.77 8.09
C SER A 92 -4.18 -32.35 7.46
N TYR A 93 -4.77 -31.58 6.55
CA TYR A 93 -6.04 -31.92 5.90
C TYR A 93 -5.82 -31.96 4.39
N ALA A 94 -5.57 -33.15 3.86
CA ALA A 94 -5.43 -33.31 2.41
C ALA A 94 -6.77 -33.67 1.75
N LEU A 95 -7.47 -34.65 2.31
CA LEU A 95 -8.79 -35.03 1.83
C LEU A 95 -9.82 -34.50 2.82
N ALA A 96 -10.59 -33.48 2.41
CA ALA A 96 -11.62 -32.86 3.27
C ALA A 96 -13.00 -33.10 2.68
N VAL A 97 -13.58 -34.29 2.92
CA VAL A 97 -14.96 -34.60 2.44
C VAL A 97 -15.88 -34.35 3.64
N LEU A 98 -16.71 -33.29 3.61
CA LEU A 98 -17.50 -32.93 4.81
C LEU A 98 -18.74 -32.09 4.51
N SER A 99 -19.85 -32.29 5.23
CA SER A 99 -21.08 -31.50 5.12
C SER A 99 -21.78 -31.67 3.78
N ASN A 100 -21.36 -32.67 3.00
CA ASN A 100 -21.94 -32.89 1.65
C ASN A 100 -23.42 -33.30 1.79
N LEU A 108 -24.07 -36.02 -0.74
CA LEU A 108 -23.18 -36.86 -1.59
C LEU A 108 -23.33 -38.34 -1.19
N LYS A 109 -23.68 -39.20 -2.14
CA LYS A 109 -23.83 -40.63 -1.87
C LYS A 109 -22.65 -41.46 -2.33
N GLU A 110 -22.20 -41.26 -3.57
CA GLU A 110 -21.11 -42.04 -4.15
C GLU A 110 -19.90 -41.15 -4.37
N LEU A 111 -18.75 -41.51 -3.79
CA LEU A 111 -17.46 -40.80 -4.03
C LEU A 111 -16.44 -41.89 -4.35
N PRO A 112 -16.39 -42.42 -5.58
CA PRO A 112 -15.50 -43.54 -5.92
C PRO A 112 -14.06 -43.20 -6.23
N MET A 113 -13.28 -42.76 -5.24
CA MET A 113 -11.89 -42.36 -5.55
C MET A 113 -11.07 -43.65 -5.68
N ARG A 114 -11.46 -44.55 -6.57
CA ARG A 114 -10.84 -45.87 -6.65
C ARG A 114 -9.34 -45.86 -6.90
N ASN A 115 -8.88 -44.99 -7.79
CA ASN A 115 -7.45 -44.90 -8.05
C ASN A 115 -6.68 -44.25 -6.90
N LEU A 116 -7.37 -43.60 -5.97
CA LEU A 116 -6.71 -42.90 -4.83
C LEU A 116 -6.04 -43.98 -3.97
N GLN A 117 -4.72 -44.11 -4.09
CA GLN A 117 -3.95 -45.13 -3.32
C GLN A 117 -2.91 -44.44 -2.44
N GLU A 118 -2.77 -43.11 -2.53
CA GLU A 118 -1.72 -42.40 -1.76
C GLU A 118 -2.10 -40.95 -1.42
N ILE A 119 -1.84 -40.53 -0.18
CA ILE A 119 -2.01 -39.10 0.24
C ILE A 119 -0.70 -38.79 1.00
N LEU A 120 0.31 -38.24 0.33
CA LEU A 120 1.63 -38.02 0.89
C LEU A 120 1.56 -37.24 2.19
N HIS A 121 1.05 -36.01 2.13
CA HIS A 121 0.97 -35.13 3.28
C HIS A 121 -0.49 -34.78 3.55
N GLY A 122 -0.92 -34.95 4.79
CA GLY A 122 -2.28 -34.65 5.20
C GLY A 122 -3.05 -35.91 5.55
N ALA A 123 -4.27 -35.69 6.02
CA ALA A 123 -5.16 -36.77 6.42
C ALA A 123 -6.56 -36.48 5.90
N VAL A 124 -7.42 -37.50 5.97
CA VAL A 124 -8.78 -37.42 5.46
C VAL A 124 -9.72 -37.11 6.62
N ARG A 125 -10.59 -36.11 6.41
CA ARG A 125 -11.56 -35.70 7.45
C ARG A 125 -12.96 -36.17 7.05
N PHE A 126 -13.64 -36.88 7.95
CA PHE A 126 -15.01 -37.40 7.68
C PHE A 126 -16.00 -36.77 8.65
N SER A 127 -16.94 -35.98 8.16
CA SER A 127 -17.90 -35.28 9.06
C SER A 127 -19.16 -34.83 8.31
N ASN A 128 -20.32 -34.88 8.96
CA ASN A 128 -21.60 -34.38 8.35
C ASN A 128 -21.82 -35.00 6.97
N ASN A 129 -21.66 -36.31 6.83
CA ASN A 129 -21.96 -36.99 5.54
C ASN A 129 -22.91 -38.17 5.80
N PRO A 130 -24.22 -37.94 6.06
CA PRO A 130 -25.17 -39.05 6.26
C PRO A 130 -25.45 -39.83 4.98
N ALA A 131 -25.45 -39.18 3.83
CA ALA A 131 -25.76 -39.87 2.58
C ALA A 131 -24.57 -40.66 2.06
N LEU A 132 -23.36 -40.37 2.54
CA LEU A 132 -22.17 -41.04 2.03
C LEU A 132 -22.14 -42.49 2.51
N CYS A 133 -22.17 -43.42 1.56
CA CYS A 133 -22.16 -44.84 1.86
C CYS A 133 -21.05 -45.52 1.08
N ASN A 134 -20.64 -46.70 1.57
CA ASN A 134 -19.60 -47.53 0.88
C ASN A 134 -18.20 -46.90 0.98
N VAL A 135 -18.07 -45.75 1.64
CA VAL A 135 -16.74 -45.15 1.82
C VAL A 135 -16.25 -45.28 3.26
N GLU A 136 -17.16 -45.52 4.21
CA GLU A 136 -16.73 -45.74 5.62
C GLU A 136 -15.88 -47.01 5.70
N SER A 137 -16.05 -47.94 4.77
CA SER A 137 -15.30 -49.19 4.78
C SER A 137 -13.99 -49.10 4.02
N ILE A 138 -13.66 -47.92 3.48
CA ILE A 138 -12.43 -47.72 2.67
C ILE A 138 -11.21 -47.90 3.58
N GLN A 139 -10.11 -48.42 3.03
CA GLN A 139 -8.87 -48.66 3.80
C GLN A 139 -7.99 -47.41 3.71
N TRP A 140 -8.26 -46.41 4.55
CA TRP A 140 -7.50 -45.14 4.54
C TRP A 140 -6.08 -45.37 5.02
N ARG A 141 -5.82 -46.53 5.62
CA ARG A 141 -4.46 -46.88 6.11
C ARG A 141 -3.50 -46.95 4.92
N ASP A 142 -3.97 -47.46 3.77
CA ASP A 142 -3.13 -47.61 2.55
C ASP A 142 -2.94 -46.24 1.88
N ILE A 143 -3.88 -45.31 2.07
CA ILE A 143 -3.84 -43.99 1.39
C ILE A 143 -3.08 -42.99 2.29
N VAL A 144 -3.63 -42.64 3.44
CA VAL A 144 -3.00 -41.67 4.38
C VAL A 144 -1.61 -42.21 4.76
N SER A 145 -0.57 -41.38 4.70
CA SER A 145 0.80 -41.77 5.00
C SER A 145 1.32 -40.98 6.19
N SER A 146 1.42 -41.65 7.35
CA SER A 146 2.09 -41.16 8.55
C SER A 146 1.45 -39.89 9.12
N ASP A 147 0.25 -39.53 8.68
CA ASP A 147 -0.46 -38.37 9.20
C ASP A 147 -1.74 -38.77 9.92
N PHE A 148 -1.68 -39.86 10.67
CA PHE A 148 -2.85 -40.38 11.39
C PHE A 148 -3.20 -39.54 12.61
N LEU A 149 -2.35 -38.58 12.99
CA LEU A 149 -2.62 -37.79 14.18
C LEU A 149 -3.92 -36.99 14.05
N SER A 150 -4.32 -36.66 12.83
CA SER A 150 -5.54 -35.91 12.56
C SER A 150 -6.40 -36.65 11.54
N ASN A 151 -6.60 -37.95 11.78
CA ASN A 151 -7.41 -38.78 10.90
C ASN A 151 -8.72 -39.11 11.62
N MET A 152 -9.70 -38.22 11.49
CA MET A 152 -11.03 -38.46 12.04
C MET A 152 -11.96 -38.99 10.95
N SER A 153 -11.66 -40.23 10.53
CA SER A 153 -12.48 -40.93 9.54
C SER A 153 -13.70 -41.58 10.21
N MET A 154 -14.53 -40.71 10.81
CA MET A 154 -15.75 -41.21 11.49
C MET A 154 -16.96 -40.41 10.98
N ASP A 155 -17.72 -40.98 10.03
CA ASP A 155 -18.92 -40.30 9.50
C ASP A 155 -20.17 -41.09 9.90
N GLY A 173 -14.06 -55.64 2.99
CA GLY A 173 -14.97 -54.58 2.67
C GLY A 173 -14.32 -53.42 1.94
N SER A 174 -13.15 -53.69 1.35
CA SER A 174 -12.41 -52.67 0.62
C SER A 174 -13.10 -52.39 -0.71
N CYS A 175 -13.95 -51.37 -0.74
CA CYS A 175 -14.67 -51.00 -1.99
C CYS A 175 -15.13 -49.54 -1.90
N TRP A 176 -14.70 -48.68 -2.83
CA TRP A 176 -15.06 -47.24 -2.79
C TRP A 176 -16.55 -47.07 -3.02
N GLY A 177 -17.16 -47.90 -3.87
CA GLY A 177 -18.63 -47.83 -4.07
C GLY A 177 -19.03 -48.35 -5.43
N ALA A 178 -20.22 -47.94 -5.92
CA ALA A 178 -20.67 -48.33 -7.28
C ALA A 178 -20.54 -49.84 -7.47
N GLY A 179 -21.02 -50.63 -6.51
CA GLY A 179 -20.98 -52.08 -6.66
C GLY A 179 -19.55 -52.57 -6.80
N GLU A 180 -19.30 -53.36 -7.85
CA GLU A 180 -17.92 -53.88 -8.09
C GLU A 180 -17.12 -52.85 -8.90
N GLU A 181 -15.97 -53.25 -9.47
CA GLU A 181 -15.12 -52.34 -10.28
C GLU A 181 -14.46 -51.30 -9.36
N ASN A 182 -15.27 -50.44 -8.73
CA ASN A 182 -14.71 -49.39 -7.83
C ASN A 182 -14.30 -50.04 -6.49
N CYS A 183 -13.04 -50.46 -6.38
CA CYS A 183 -12.54 -51.06 -5.12
C CYS A 183 -11.37 -50.23 -4.57
N GLN A 184 -11.00 -50.40 -3.30
CA GLN A 184 -9.86 -49.66 -2.69
C GLN A 184 -8.54 -50.18 -3.25
N LYS A 185 -8.54 -51.31 -3.97
CA LYS A 185 -7.31 -51.87 -4.60
C LYS A 185 -6.13 -51.67 -3.62
N LEU A 186 -6.16 -52.41 -2.50
CA LEU A 186 -5.10 -52.26 -1.45
C LEU A 186 -3.70 -52.52 -2.05
N THR A 187 -2.71 -51.77 -1.58
CA THR A 187 -1.33 -51.94 -2.04
C THR A 187 -0.27 -51.61 -0.99
N LYS A 188 -0.62 -50.91 0.09
CA LYS A 188 0.35 -50.54 1.12
C LYS A 188 0.15 -51.32 2.42
N ILE A 189 -1.10 -51.59 2.79
CA ILE A 189 -1.38 -52.33 4.01
C ILE A 189 -1.73 -53.77 3.70
N ASN A 210 12.36 -46.65 -4.05
CA ASN A 210 11.41 -46.12 -3.07
C ASN A 210 10.89 -44.75 -3.48
N GLN A 211 10.81 -44.51 -4.79
CA GLN A 211 10.33 -43.24 -5.33
C GLN A 211 8.99 -43.38 -6.03
N CYS A 212 8.29 -44.50 -5.82
CA CYS A 212 6.95 -44.70 -6.35
C CYS A 212 5.94 -44.55 -5.22
N ALA A 213 4.94 -43.71 -5.42
CA ALA A 213 4.02 -43.35 -4.35
C ALA A 213 2.80 -44.28 -4.31
N ALA A 214 2.02 -44.33 -5.39
CA ALA A 214 0.80 -45.13 -5.40
C ALA A 214 1.13 -46.61 -5.54
N GLY A 215 1.79 -46.99 -6.62
CA GLY A 215 2.13 -48.38 -6.84
C GLY A 215 3.24 -48.51 -7.86
N CYS A 216 3.53 -49.75 -8.22
CA CYS A 216 4.60 -50.06 -9.17
C CYS A 216 4.07 -51.00 -10.25
N THR A 217 4.62 -50.85 -11.45
CA THR A 217 4.30 -51.74 -12.56
C THR A 217 5.57 -52.45 -13.02
N GLY A 218 6.36 -52.93 -12.07
CA GLY A 218 7.63 -53.55 -12.37
C GLY A 218 8.73 -53.02 -11.47
N PRO A 219 9.77 -53.83 -11.24
CA PRO A 219 10.87 -53.45 -10.34
C PRO A 219 11.87 -52.50 -10.99
N ARG A 220 11.37 -51.44 -11.63
CA ARG A 220 12.20 -50.44 -12.27
C ARG A 220 11.65 -49.06 -11.96
N GLU A 221 12.56 -48.12 -11.68
CA GLU A 221 12.13 -46.75 -11.39
C GLU A 221 11.62 -46.03 -12.62
N SER A 222 11.88 -46.56 -13.82
CA SER A 222 11.43 -45.93 -15.06
C SER A 222 9.96 -46.16 -15.35
N ASP A 223 9.30 -47.07 -14.63
CA ASP A 223 7.89 -47.40 -14.87
C ASP A 223 7.16 -47.42 -13.54
N CYS A 224 6.44 -46.34 -13.24
CA CYS A 224 5.60 -46.26 -12.05
C CYS A 224 4.46 -45.29 -12.33
N LEU A 225 3.37 -45.46 -11.58
CA LEU A 225 2.18 -44.66 -11.81
C LEU A 225 2.44 -43.18 -11.56
N VAL A 226 2.78 -42.83 -10.32
CA VAL A 226 3.06 -41.45 -9.94
C VAL A 226 4.35 -41.44 -9.14
N CYS A 227 5.26 -40.52 -9.50
CA CYS A 227 6.52 -40.41 -8.79
C CYS A 227 6.33 -39.73 -7.44
N ARG A 228 7.06 -40.21 -6.44
CA ARG A 228 6.90 -39.68 -5.09
C ARG A 228 7.30 -38.21 -5.02
N LYS A 229 8.43 -37.85 -5.65
CA LYS A 229 8.91 -36.47 -5.61
C LYS A 229 8.89 -35.81 -6.98
N PHE A 230 9.59 -36.38 -7.97
CA PHE A 230 9.70 -35.76 -9.28
C PHE A 230 9.83 -36.83 -10.35
N ARG A 231 9.51 -36.46 -11.60
CA ARG A 231 9.68 -37.39 -12.73
C ARG A 231 10.36 -36.63 -13.86
N ASP A 232 11.65 -36.90 -14.13
CA ASP A 232 12.38 -36.13 -15.17
C ASP A 232 11.61 -36.26 -16.48
N GLU A 233 11.40 -37.48 -16.98
CA GLU A 233 10.65 -37.69 -18.24
C GLU A 233 9.89 -39.03 -18.12
N ALA A 234 10.46 -39.99 -17.38
CA ALA A 234 9.81 -41.30 -17.20
C ALA A 234 10.27 -41.93 -15.88
N THR A 235 11.50 -41.65 -15.46
CA THR A 235 12.03 -42.30 -14.24
C THR A 235 11.77 -41.44 -13.03
N CYS A 236 11.54 -42.06 -11.88
CA CYS A 236 11.25 -41.34 -10.65
C CYS A 236 12.56 -40.89 -10.01
N LYS A 237 12.73 -39.56 -9.90
CA LYS A 237 13.97 -39.00 -9.35
C LYS A 237 13.69 -38.33 -7.99
N ASP A 238 14.63 -38.46 -7.05
CA ASP A 238 14.49 -37.81 -5.75
C ASP A 238 14.43 -36.29 -5.89
N THR A 239 15.15 -35.74 -6.86
CA THR A 239 15.12 -34.31 -7.13
C THR A 239 15.43 -34.09 -8.60
N CYS A 240 15.10 -32.90 -9.11
CA CYS A 240 15.29 -32.58 -10.54
C CYS A 240 16.77 -32.32 -10.84
N PRO A 241 17.28 -32.67 -12.04
CA PRO A 241 18.70 -32.49 -12.34
C PRO A 241 19.15 -31.10 -11.96
N PRO A 242 20.20 -30.92 -11.12
CA PRO A 242 20.58 -29.59 -10.65
C PRO A 242 20.85 -28.61 -11.78
N LEU A 243 20.55 -27.33 -11.56
CA LEU A 243 20.77 -26.27 -12.58
C LEU A 243 22.22 -25.80 -12.51
N MET A 244 22.94 -26.02 -11.39
CA MET A 244 24.35 -25.72 -11.25
C MET A 244 25.13 -27.02 -11.07
N LEU A 245 26.14 -27.19 -11.94
CA LEU A 245 27.00 -28.39 -11.87
C LEU A 245 28.40 -27.95 -11.46
N TYR A 246 29.03 -28.72 -10.56
CA TYR A 246 30.41 -28.43 -10.08
C TYR A 246 31.39 -29.11 -11.01
N ASN A 247 32.48 -28.42 -11.34
CA ASN A 247 33.53 -28.97 -12.24
C ASN A 247 34.88 -28.76 -11.58
N PRO A 248 35.62 -29.81 -11.15
CA PRO A 248 36.90 -29.56 -10.45
C PRO A 248 37.87 -28.70 -11.23
N THR A 249 37.73 -28.63 -12.56
CA THR A 249 38.62 -27.77 -13.35
C THR A 249 38.42 -26.30 -13.00
N THR A 250 37.16 -25.86 -12.84
CA THR A 250 36.86 -24.44 -12.54
C THR A 250 36.78 -24.26 -11.04
N TYR A 251 36.77 -25.35 -10.27
CA TYR A 251 36.73 -25.30 -8.78
C TYR A 251 35.53 -24.46 -8.33
N GLN A 252 34.41 -24.54 -9.05
CA GLN A 252 33.20 -23.73 -8.72
C GLN A 252 31.97 -24.34 -9.40
N MET A 253 30.82 -23.65 -9.37
CA MET A 253 29.55 -24.15 -9.96
C MET A 253 29.39 -23.59 -11.39
N ASP A 254 28.71 -24.34 -12.27
CA ASP A 254 28.54 -23.97 -13.70
C ASP A 254 27.15 -24.42 -14.17
N VAL A 255 26.52 -23.66 -15.07
CA VAL A 255 25.15 -24.01 -15.56
C VAL A 255 25.16 -25.44 -16.09
N ASN A 256 24.18 -26.25 -15.69
CA ASN A 256 24.11 -27.67 -16.12
C ASN A 256 23.13 -27.81 -17.28
N PRO A 257 23.57 -28.21 -18.49
CA PRO A 257 22.66 -28.41 -19.61
C PRO A 257 21.61 -29.46 -19.32
N GLU A 258 22.02 -30.65 -18.86
CA GLU A 258 21.07 -31.76 -18.60
C GLU A 258 20.23 -31.37 -17.38
N GLY A 259 20.64 -30.34 -16.65
CA GLY A 259 19.84 -29.81 -15.51
C GLY A 259 18.49 -29.34 -16.01
N LYS A 260 17.40 -29.74 -15.35
CA LYS A 260 16.02 -29.39 -15.77
C LYS A 260 15.30 -28.65 -14.64
N TYR A 261 14.46 -27.67 -14.95
CA TYR A 261 13.66 -26.96 -13.93
C TYR A 261 12.64 -27.91 -13.36
N SER A 262 12.05 -27.54 -12.23
CA SER A 262 11.04 -28.35 -11.55
C SER A 262 9.66 -27.75 -11.84
N PHE A 263 8.80 -28.56 -12.45
CA PHE A 263 7.42 -28.16 -12.75
C PHE A 263 6.50 -29.00 -11.88
N GLY A 264 6.22 -28.50 -10.68
CA GLY A 264 5.40 -29.24 -9.74
C GLY A 264 6.04 -30.54 -9.30
N ALA A 265 5.48 -31.66 -9.77
CA ALA A 265 6.01 -32.98 -9.44
C ALA A 265 6.73 -33.63 -10.61
N THR A 266 7.17 -32.81 -11.58
CA THR A 266 7.91 -33.34 -12.74
C THR A 266 9.03 -32.39 -13.10
N CYS A 267 10.10 -32.86 -13.75
CA CYS A 267 11.25 -32.00 -14.13
C CYS A 267 11.13 -31.64 -15.61
N VAL A 268 11.28 -30.36 -15.96
CA VAL A 268 11.12 -29.89 -17.37
C VAL A 268 12.35 -29.07 -17.77
N LYS A 269 12.89 -29.30 -18.98
CA LYS A 269 14.01 -28.47 -19.42
C LYS A 269 13.62 -27.00 -19.42
N LYS A 270 12.43 -26.69 -19.87
CA LYS A 270 11.85 -25.35 -19.76
C LYS A 270 10.37 -25.49 -19.42
N CYS A 271 9.87 -24.54 -18.65
CA CYS A 271 8.47 -24.63 -18.23
C CYS A 271 7.57 -23.91 -19.22
N PRO A 272 6.60 -24.60 -19.81
CA PRO A 272 5.76 -23.98 -20.84
C PRO A 272 4.76 -23.01 -20.22
N ARG A 273 3.98 -22.38 -21.09
CA ARG A 273 2.96 -21.40 -20.71
C ARG A 273 3.65 -20.26 -19.96
N ASN A 274 2.95 -19.63 -19.01
CA ASN A 274 3.50 -18.51 -18.25
C ASN A 274 3.93 -19.02 -16.88
N TYR A 275 5.15 -19.59 -16.81
CA TYR A 275 5.68 -20.07 -15.51
C TYR A 275 7.03 -19.39 -15.26
N VAL A 276 7.37 -19.12 -13.99
CA VAL A 276 8.62 -18.39 -13.67
C VAL A 276 9.51 -19.26 -12.77
N VAL A 277 10.73 -19.57 -13.24
CA VAL A 277 11.66 -20.44 -12.45
C VAL A 277 12.07 -19.70 -11.17
N THR A 278 11.93 -20.34 -10.01
CA THR A 278 12.34 -19.72 -8.74
C THR A 278 13.80 -20.04 -8.48
N ASP A 279 14.32 -19.64 -7.33
CA ASP A 279 15.78 -19.83 -7.06
C ASP A 279 16.08 -21.32 -6.87
N HIS A 280 15.17 -22.07 -6.25
CA HIS A 280 15.43 -23.48 -5.95
C HIS A 280 15.13 -24.40 -7.12
N GLY A 281 15.04 -23.87 -8.34
CA GLY A 281 14.88 -24.69 -9.53
C GLY A 281 13.44 -24.91 -9.96
N SER A 282 12.48 -24.68 -9.08
CA SER A 282 11.08 -24.87 -9.41
C SER A 282 10.51 -23.63 -10.09
N CYS A 283 9.60 -23.86 -11.04
CA CYS A 283 8.96 -22.73 -11.74
C CYS A 283 7.48 -22.63 -11.33
N VAL A 284 7.19 -21.80 -10.32
CA VAL A 284 5.79 -21.66 -9.82
C VAL A 284 5.01 -20.78 -10.81
N ARG A 285 3.70 -20.64 -10.59
CA ARG A 285 2.87 -19.87 -11.51
C ARG A 285 3.30 -18.40 -11.55
N ALA A 286 3.58 -17.82 -10.38
CA ALA A 286 3.99 -16.42 -10.30
C ALA A 286 5.07 -16.27 -9.24
N CYS A 287 5.86 -15.21 -9.41
CA CYS A 287 6.96 -14.94 -8.44
C CYS A 287 6.36 -14.54 -7.09
N GLY A 288 7.10 -14.82 -6.02
CA GLY A 288 6.65 -14.54 -4.67
C GLY A 288 6.66 -13.04 -4.37
N ALA A 289 6.27 -12.73 -3.14
CA ALA A 289 6.22 -11.33 -2.71
C ALA A 289 7.62 -10.72 -2.68
N ASP A 290 8.62 -11.49 -2.26
CA ASP A 290 9.98 -11.02 -2.15
C ASP A 290 10.75 -11.14 -3.46
N SER A 291 10.15 -11.66 -4.51
CA SER A 291 10.81 -11.86 -5.80
C SER A 291 10.07 -11.11 -6.89
N TYR A 292 10.77 -10.88 -8.01
CA TYR A 292 10.14 -10.19 -9.17
C TYR A 292 10.39 -11.01 -10.43
N GLU A 293 9.60 -10.77 -11.48
CA GLU A 293 9.74 -11.55 -12.73
C GLU A 293 10.80 -10.88 -13.63
N MET A 294 11.81 -11.63 -14.06
CA MET A 294 12.83 -11.09 -14.99
C MET A 294 13.22 -12.19 -15.99
N GLU A 295 13.14 -11.89 -17.30
CA GLU A 295 13.45 -12.91 -18.33
C GLU A 295 14.81 -12.62 -18.96
N GLU A 296 15.85 -13.37 -18.57
CA GLU A 296 17.19 -13.20 -19.20
C GLU A 296 17.22 -14.10 -20.44
N ASP A 297 17.36 -15.41 -20.24
CA ASP A 297 17.34 -16.35 -21.35
C ASP A 297 15.88 -16.57 -21.77
N GLY A 298 15.67 -17.58 -22.61
CA GLY A 298 14.34 -17.88 -23.12
C GLY A 298 13.28 -18.11 -22.07
N VAL A 299 13.73 -18.36 -20.83
CA VAL A 299 12.77 -18.60 -19.70
C VAL A 299 13.00 -17.51 -18.64
N ARG A 300 11.90 -16.91 -18.14
CA ARG A 300 12.01 -15.87 -17.08
C ARG A 300 12.33 -16.53 -15.73
N LYS A 301 12.96 -15.78 -14.82
CA LYS A 301 13.34 -16.34 -13.50
C LYS A 301 12.85 -15.40 -12.39
N CYS A 302 12.56 -15.96 -11.20
CA CYS A 302 12.08 -15.15 -10.06
C CYS A 302 13.28 -14.56 -9.32
N LYS A 303 13.84 -13.45 -9.83
CA LYS A 303 15.02 -12.82 -9.20
C LYS A 303 14.57 -12.13 -7.89
N LYS A 304 15.40 -12.18 -6.85
CA LYS A 304 15.05 -11.58 -5.57
C LYS A 304 14.96 -10.08 -5.69
N CYS A 305 13.95 -9.49 -5.05
CA CYS A 305 13.79 -8.05 -5.06
C CYS A 305 14.92 -7.36 -4.31
N GLU A 306 15.43 -6.27 -4.90
CA GLU A 306 16.44 -5.46 -4.24
C GLU A 306 15.73 -4.63 -3.17
N GLY A 307 15.59 -5.21 -1.99
CA GLY A 307 14.75 -4.65 -0.96
C GLY A 307 13.31 -4.63 -1.41
N PRO A 308 12.64 -3.48 -1.27
CA PRO A 308 11.29 -3.33 -1.82
C PRO A 308 11.35 -3.07 -3.32
N CYS A 309 10.86 -4.02 -4.10
CA CYS A 309 10.95 -3.92 -5.56
C CYS A 309 9.81 -3.07 -6.11
N ARG A 310 9.67 -3.07 -7.44
CA ARG A 310 8.81 -2.11 -8.11
C ARG A 310 7.34 -2.43 -7.87
N LYS A 311 6.62 -1.45 -7.30
CA LYS A 311 5.16 -1.50 -7.16
C LYS A 311 4.64 -0.14 -7.59
N VAL A 312 4.35 0.02 -8.88
CA VAL A 312 3.98 1.32 -9.43
C VAL A 312 2.58 1.67 -8.96
N CYS A 313 2.46 2.73 -8.17
CA CYS A 313 1.19 3.29 -7.77
C CYS A 313 1.00 4.65 -8.41
N ASN A 314 -0.24 5.14 -8.36
CA ASN A 314 -0.58 6.43 -8.93
C ASN A 314 -0.39 7.52 -7.88
N GLY A 315 0.11 8.68 -8.31
CA GLY A 315 0.35 9.79 -7.37
C GLY A 315 -0.84 10.72 -7.30
N ILE A 316 -0.62 11.94 -6.80
CA ILE A 316 -1.73 12.93 -6.66
C ILE A 316 -1.93 13.64 -8.01
N GLY A 317 -3.14 13.56 -8.57
CA GLY A 317 -3.47 14.23 -9.82
C GLY A 317 -3.98 13.27 -10.90
N ILE A 318 -3.56 12.01 -10.85
CA ILE A 318 -3.99 11.02 -11.82
C ILE A 318 -4.36 9.73 -11.08
N GLY A 319 -5.42 9.07 -11.54
CA GLY A 319 -5.85 7.82 -10.95
C GLY A 319 -6.91 8.00 -9.89
N GLU A 320 -6.87 7.17 -8.85
CA GLU A 320 -7.82 7.30 -7.75
C GLU A 320 -7.64 8.62 -7.00
N PHE A 321 -6.44 9.20 -7.04
CA PHE A 321 -6.16 10.48 -6.42
C PHE A 321 -6.16 11.62 -7.43
N LYS A 322 -7.01 11.53 -8.46
CA LYS A 322 -7.07 12.58 -9.47
C LYS A 322 -7.56 13.89 -8.88
N ASP A 323 -8.59 13.84 -8.03
CA ASP A 323 -9.15 15.03 -7.40
C ASP A 323 -8.57 15.30 -6.02
N SER A 324 -7.66 14.45 -5.53
CA SER A 324 -7.05 14.67 -4.24
C SER A 324 -6.06 15.83 -4.29
N LEU A 325 -5.92 16.53 -3.16
CA LEU A 325 -5.03 17.68 -3.08
C LEU A 325 -3.66 17.33 -2.53
N SER A 326 -3.60 16.44 -1.55
CA SER A 326 -2.35 16.10 -0.88
C SER A 326 -2.43 14.64 -0.45
N ILE A 327 -1.42 14.23 0.32
CA ILE A 327 -1.39 12.88 0.90
C ILE A 327 -1.96 13.03 2.31
N ASN A 328 -3.28 12.99 2.40
CA ASN A 328 -3.97 13.01 3.67
C ASN A 328 -4.18 11.58 4.17
N ALA A 329 -4.95 11.44 5.25
CA ALA A 329 -5.01 10.16 5.96
C ALA A 329 -5.60 9.06 5.10
N THR A 330 -6.63 9.37 4.32
CA THR A 330 -7.18 8.39 3.38
C THR A 330 -6.15 8.02 2.32
N ASN A 331 -5.37 9.00 1.84
CA ASN A 331 -4.32 8.71 0.88
C ASN A 331 -3.27 7.77 1.48
N ILE A 332 -2.80 8.09 2.68
CA ILE A 332 -1.74 7.27 3.33
C ILE A 332 -2.25 5.83 3.38
N LYS A 333 -1.36 4.83 3.27
CA LYS A 333 -1.71 3.38 3.30
C LYS A 333 -1.98 2.92 1.87
N HIS A 334 -2.31 3.84 0.96
CA HIS A 334 -2.48 3.49 -0.47
C HIS A 334 -1.08 3.52 -1.09
N PHE A 335 -0.09 4.02 -0.34
CA PHE A 335 1.29 4.05 -0.81
C PHE A 335 2.18 3.08 -0.04
N LYS A 336 1.59 2.12 0.67
CA LYS A 336 2.37 1.15 1.43
C LYS A 336 3.19 0.29 0.48
N ASN A 337 4.42 -0.02 0.92
CA ASN A 337 5.43 -0.78 0.18
C ASN A 337 5.44 -0.43 -1.31
N CYS A 338 5.30 0.87 -1.62
CA CYS A 338 5.11 1.33 -2.98
C CYS A 338 6.36 2.04 -3.48
N THR A 339 6.70 1.81 -4.75
CA THR A 339 7.87 2.39 -5.38
C THR A 339 7.48 2.90 -6.76
N SER A 340 8.19 3.94 -7.23
CA SER A 340 7.95 4.53 -8.54
C SER A 340 6.52 5.05 -8.66
N ILE A 341 6.24 6.06 -7.83
CA ILE A 341 4.94 6.73 -7.89
C ILE A 341 4.71 7.26 -9.29
N SER A 342 3.54 6.96 -9.85
CA SER A 342 3.16 7.44 -11.18
C SER A 342 2.28 8.66 -10.98
N GLY A 343 2.92 9.83 -10.97
CA GLY A 343 2.18 11.08 -10.73
C GLY A 343 2.95 11.93 -9.75
N ASP A 344 2.32 12.96 -9.18
CA ASP A 344 3.03 13.89 -8.27
C ASP A 344 2.86 13.43 -6.82
N LEU A 345 3.66 13.96 -5.91
CA LEU A 345 3.50 13.64 -4.47
C LEU A 345 3.38 14.96 -3.70
N HIS A 346 2.18 15.30 -3.24
CA HIS A 346 1.97 16.60 -2.55
C HIS A 346 1.77 16.37 -1.06
N ILE A 347 2.51 17.11 -0.22
CA ILE A 347 2.30 17.03 1.26
C ILE A 347 1.93 18.45 1.71
N LEU A 348 0.63 18.75 1.77
CA LEU A 348 0.15 20.09 2.09
C LEU A 348 -0.23 20.19 3.56
N PRO A 349 -0.41 21.40 4.09
CA PRO A 349 -0.81 21.53 5.50
C PRO A 349 -2.13 20.87 5.83
N VAL A 350 -3.00 20.71 4.83
CA VAL A 350 -4.33 20.07 5.04
C VAL A 350 -4.14 18.62 5.50
N ALA A 351 -3.01 18.00 5.16
CA ALA A 351 -2.77 16.62 5.54
C ALA A 351 -2.72 16.48 7.05
N PHE A 352 -1.89 17.28 7.71
CA PHE A 352 -1.73 17.21 9.16
C PHE A 352 -2.78 18.01 9.92
N ARG A 353 -3.38 19.01 9.29
CA ARG A 353 -4.46 19.80 9.94
C ARG A 353 -5.79 19.06 9.81
N GLY A 354 -5.96 18.31 8.74
CA GLY A 354 -7.23 17.67 8.47
C GLY A 354 -8.14 18.55 7.63
N ASP A 355 -9.08 17.90 6.97
CA ASP A 355 -10.05 18.60 6.12
C ASP A 355 -11.45 18.11 6.46
N SER A 356 -12.39 19.04 6.56
CA SER A 356 -13.79 18.67 6.88
C SER A 356 -14.58 18.47 5.58
N PHE A 357 -14.39 19.35 4.58
CA PHE A 357 -15.18 19.22 3.37
C PHE A 357 -14.94 17.88 2.69
N THR A 358 -13.69 17.43 2.63
CA THR A 358 -13.37 16.13 2.09
C THR A 358 -13.49 15.03 3.13
N HIS A 359 -13.87 15.37 4.37
CA HIS A 359 -14.14 14.39 5.42
C HIS A 359 -12.92 13.52 5.71
N THR A 360 -11.77 14.16 5.88
CA THR A 360 -10.53 13.44 6.10
C THR A 360 -9.92 13.82 7.44
N PRO A 361 -9.64 12.86 8.31
CA PRO A 361 -9.03 13.17 9.60
C PRO A 361 -7.60 13.65 9.42
N PRO A 362 -7.08 14.42 10.38
CA PRO A 362 -5.69 14.87 10.28
C PRO A 362 -4.73 13.69 10.22
N LEU A 363 -3.69 13.83 9.39
CA LEU A 363 -2.71 12.76 9.20
C LEU A 363 -1.70 12.82 10.34
N ASP A 364 -1.68 11.77 11.16
CA ASP A 364 -0.68 11.69 12.22
C ASP A 364 0.71 11.54 11.59
N PRO A 365 1.71 12.26 12.11
CA PRO A 365 3.02 12.26 11.46
C PRO A 365 3.67 10.90 11.34
N GLN A 366 3.33 9.95 12.21
CA GLN A 366 3.98 8.64 12.17
C GLN A 366 3.62 7.84 10.93
N GLU A 367 2.52 8.19 10.24
CA GLU A 367 2.15 7.50 9.01
C GLU A 367 2.89 8.03 7.78
N LEU A 368 3.69 9.08 7.94
CA LEU A 368 4.47 9.59 6.81
C LEU A 368 5.61 8.65 6.43
N ASP A 369 5.95 7.69 7.30
CA ASP A 369 7.00 6.73 6.99
C ASP A 369 6.57 5.73 5.92
N ILE A 370 5.29 5.74 5.52
CA ILE A 370 4.84 4.91 4.41
C ILE A 370 5.57 5.29 3.13
N LEU A 371 5.90 6.57 2.96
CA LEU A 371 6.59 7.06 1.78
C LEU A 371 8.07 6.70 1.76
N LYS A 372 8.60 6.08 2.81
CA LYS A 372 9.99 5.67 2.83
C LYS A 372 10.33 4.64 1.76
N THR A 373 9.32 3.97 1.20
CA THR A 373 9.54 2.99 0.14
C THR A 373 9.71 3.63 -1.23
N VAL A 374 9.18 4.83 -1.44
CA VAL A 374 9.21 5.49 -2.75
C VAL A 374 10.64 5.79 -3.15
N LYS A 375 11.09 5.16 -4.24
CA LYS A 375 12.43 5.38 -4.77
C LYS A 375 12.42 6.10 -6.11
N GLU A 376 11.25 6.51 -6.58
CA GLU A 376 11.14 7.29 -7.84
C GLU A 376 9.77 7.99 -7.86
N ILE A 377 9.67 9.17 -8.48
CA ILE A 377 8.39 9.91 -8.63
C ILE A 377 8.39 10.46 -10.06
N THR A 378 7.56 9.91 -10.96
CA THR A 378 7.54 10.33 -12.38
C THR A 378 7.02 11.74 -12.45
N GLY A 379 6.25 12.20 -11.46
CA GLY A 379 5.79 13.61 -11.41
C GLY A 379 6.74 14.46 -10.59
N PHE A 380 6.20 15.32 -9.72
CA PHE A 380 7.06 16.21 -8.88
C PHE A 380 6.85 15.91 -7.40
N LEU A 381 7.77 16.37 -6.55
CA LEU A 381 7.62 16.18 -5.08
C LEU A 381 7.40 17.56 -4.43
N LEU A 382 6.20 17.79 -3.89
CA LEU A 382 5.90 19.08 -3.20
C LEU A 382 5.74 18.82 -1.70
N ILE A 383 6.64 19.36 -0.88
CA ILE A 383 6.51 19.21 0.60
C ILE A 383 6.25 20.61 1.17
N GLN A 384 4.99 21.03 1.24
CA GLN A 384 4.64 22.38 1.75
C GLN A 384 4.39 22.30 3.26
N ALA A 385 4.39 21.09 3.81
CA ALA A 385 4.17 20.94 5.24
C ALA A 385 4.83 19.66 5.72
N TRP A 386 5.56 19.76 6.83
CA TRP A 386 6.19 18.62 7.48
C TRP A 386 5.95 18.71 8.98
N PRO A 387 5.86 17.58 9.66
CA PRO A 387 5.80 17.61 11.13
C PRO A 387 6.99 18.35 11.70
N GLU A 388 6.71 19.22 12.68
CA GLU A 388 7.74 20.10 13.22
C GLU A 388 8.69 19.39 14.18
N ASN A 389 8.35 18.17 14.62
CA ASN A 389 9.23 17.41 15.50
C ASN A 389 10.30 16.62 14.74
N ARG A 390 10.25 16.63 13.41
CA ARG A 390 11.26 15.97 12.59
C ARG A 390 12.14 17.02 11.94
N THR A 391 13.45 16.83 12.03
CA THR A 391 14.42 17.80 11.55
C THR A 391 14.80 17.59 10.08
N ASP A 392 14.28 16.56 9.43
CA ASP A 392 14.59 16.31 8.03
C ASP A 392 13.51 15.46 7.42
N LEU A 393 13.48 15.43 6.09
CA LEU A 393 12.53 14.62 5.33
C LEU A 393 13.01 13.17 5.31
N HIS A 394 12.84 12.51 6.45
CA HIS A 394 13.21 11.10 6.57
C HIS A 394 12.29 10.18 5.78
N ALA A 395 11.11 10.66 5.37
CA ALA A 395 10.24 9.85 4.53
C ALA A 395 10.75 9.74 3.11
N PHE A 396 11.59 10.67 2.66
CA PHE A 396 12.13 10.67 1.31
C PHE A 396 13.63 10.44 1.28
N GLU A 397 14.18 9.81 2.32
CA GLU A 397 15.60 9.49 2.32
C GLU A 397 15.94 8.46 1.26
N ASN A 398 14.99 7.58 0.92
CA ASN A 398 15.22 6.54 -0.07
C ASN A 398 14.84 6.97 -1.48
N LEU A 399 14.24 8.15 -1.65
CA LEU A 399 13.89 8.62 -2.98
C LEU A 399 15.14 8.89 -3.79
N GLU A 400 15.19 8.35 -5.00
CA GLU A 400 16.37 8.43 -5.85
C GLU A 400 16.18 9.28 -7.09
N ILE A 401 15.02 9.19 -7.74
CA ILE A 401 14.76 9.96 -9.01
C ILE A 401 13.47 10.77 -8.88
N ILE A 402 13.44 11.98 -9.43
CA ILE A 402 12.20 12.84 -9.47
C ILE A 402 12.06 13.28 -10.93
N ARG A 403 11.58 12.39 -11.80
CA ARG A 403 11.50 12.68 -13.26
C ARG A 403 10.95 14.09 -13.52
N GLY A 404 9.89 14.50 -12.84
CA GLY A 404 9.35 15.87 -12.99
C GLY A 404 8.44 15.99 -14.19
N ARG A 405 8.18 14.89 -14.89
CA ARG A 405 7.32 14.90 -16.11
C ARG A 405 6.20 15.93 -15.92
N THR A 406 5.47 15.88 -14.80
CA THR A 406 4.43 16.88 -14.47
C THR A 406 4.99 17.66 -13.30
N LYS A 407 5.38 18.92 -13.50
CA LYS A 407 6.05 19.67 -12.42
C LYS A 407 5.11 20.73 -11.83
N GLN A 408 5.35 21.12 -10.57
CA GLN A 408 4.52 22.17 -9.93
C GLN A 408 4.60 23.45 -10.76
N HIS A 409 3.45 24.09 -11.02
CA HIS A 409 3.42 25.32 -11.85
C HIS A 409 4.22 25.04 -13.13
N GLY A 410 4.22 23.79 -13.60
CA GLY A 410 5.00 23.42 -14.79
C GLY A 410 6.44 23.85 -14.65
N GLN A 411 7.00 23.75 -13.44
CA GLN A 411 8.38 24.23 -13.21
C GLN A 411 9.10 23.42 -12.12
N PHE A 412 8.62 23.48 -10.87
CA PHE A 412 9.36 22.83 -9.75
C PHE A 412 9.03 21.35 -9.65
N SER A 413 10.07 20.50 -9.66
CA SER A 413 9.87 19.03 -9.51
C SER A 413 10.22 18.64 -8.07
N LEU A 414 11.04 19.45 -7.39
CA LEU A 414 11.35 19.20 -5.96
C LEU A 414 11.08 20.52 -5.22
N ALA A 415 10.09 20.54 -4.34
CA ALA A 415 9.73 21.82 -3.67
C ALA A 415 9.59 21.63 -2.15
N VAL A 416 10.68 21.81 -1.41
CA VAL A 416 10.61 21.77 0.08
C VAL A 416 10.34 23.22 0.52
N VAL A 417 9.10 23.56 0.87
CA VAL A 417 8.78 24.99 1.13
C VAL A 417 8.21 25.23 2.54
N SER A 418 8.67 26.29 3.21
CA SER A 418 8.14 26.71 4.51
C SER A 418 8.03 25.53 5.48
N LEU A 419 9.18 24.94 5.76
CA LEU A 419 9.19 23.80 6.71
C LEU A 419 10.08 24.15 7.91
N ASN A 420 10.10 23.28 8.90
CA ASN A 420 10.90 23.48 10.12
C ASN A 420 11.91 22.35 10.26
N ILE A 421 12.62 22.04 9.18
CA ILE A 421 13.55 20.92 9.13
C ILE A 421 14.98 21.47 9.15
N THR A 422 15.84 20.83 9.94
CA THR A 422 17.24 21.24 10.00
C THR A 422 17.99 20.87 8.73
N SER A 423 17.80 19.62 8.27
CA SER A 423 18.49 19.15 7.03
C SER A 423 17.44 18.71 6.01
N LEU A 424 17.85 18.44 4.77
CA LEU A 424 16.89 17.96 3.73
C LEU A 424 16.68 16.44 3.92
N GLY A 425 17.75 15.70 4.23
CA GLY A 425 17.57 14.26 4.39
C GLY A 425 17.22 13.54 3.10
N LEU A 426 17.72 14.01 1.96
CA LEU A 426 17.48 13.35 0.65
C LEU A 426 18.78 12.65 0.22
N ARG A 427 19.35 11.82 1.09
CA ARG A 427 20.63 11.18 0.83
C ARG A 427 20.65 10.43 -0.49
N SER A 428 19.62 9.63 -0.76
CA SER A 428 19.61 8.78 -1.95
C SER A 428 19.21 9.54 -3.21
N LEU A 429 18.78 10.79 -3.10
CA LEU A 429 18.39 11.56 -4.28
C LEU A 429 19.60 11.79 -5.17
N LYS A 430 19.52 11.33 -6.41
CA LYS A 430 20.63 11.44 -7.35
C LYS A 430 20.25 12.02 -8.71
N GLU A 431 18.99 11.92 -9.12
CA GLU A 431 18.57 12.40 -10.44
C GLU A 431 17.29 13.22 -10.31
N ILE A 432 17.30 14.41 -10.91
CA ILE A 432 16.08 15.27 -11.02
C ILE A 432 16.09 15.54 -12.53
N SER A 433 15.27 14.80 -13.29
CA SER A 433 15.34 14.84 -14.77
C SER A 433 14.80 16.13 -15.38
N ASP A 434 13.50 16.37 -15.36
CA ASP A 434 12.89 17.51 -16.10
C ASP A 434 12.80 18.80 -15.30
N GLY A 435 12.08 18.85 -14.17
CA GLY A 435 11.83 20.12 -13.47
C GLY A 435 12.99 20.62 -12.63
N ASP A 436 12.89 21.84 -12.12
CA ASP A 436 13.98 22.43 -11.29
C ASP A 436 13.75 22.10 -9.81
N VAL A 437 14.41 22.83 -8.91
CA VAL A 437 14.30 22.57 -7.44
C VAL A 437 14.12 23.89 -6.70
N ILE A 438 13.12 23.97 -5.81
CA ILE A 438 12.95 25.20 -4.97
C ILE A 438 12.95 24.76 -3.49
N ILE A 439 13.95 25.20 -2.73
CA ILE A 439 13.95 24.90 -1.27
C ILE A 439 13.95 26.25 -0.53
N SER A 440 12.77 26.75 -0.17
CA SER A 440 12.70 28.09 0.44
C SER A 440 11.80 28.11 1.68
N GLY A 441 11.94 29.12 2.54
CA GLY A 441 11.11 29.27 3.71
C GLY A 441 11.53 28.43 4.91
N ASN A 442 12.43 27.47 4.70
CA ASN A 442 12.93 26.62 5.81
C ASN A 442 13.88 27.44 6.68
N LYS A 443 13.36 28.10 7.72
CA LYS A 443 14.17 28.98 8.55
C LYS A 443 15.26 28.25 9.32
N ASN A 444 15.19 26.92 9.38
CA ASN A 444 16.18 26.13 10.12
C ASN A 444 17.03 25.23 9.23
N LEU A 445 16.81 25.34 7.91
CA LEU A 445 17.59 24.50 6.95
C LEU A 445 19.03 25.02 6.89
N CYS A 446 20.01 24.15 7.09
CA CYS A 446 21.39 24.58 7.17
C CYS A 446 22.21 24.03 6.00
N TYR A 447 22.21 22.71 5.80
CA TYR A 447 22.96 22.08 4.72
C TYR A 447 22.08 21.99 3.48
N ALA A 448 21.96 23.13 2.79
CA ALA A 448 21.15 23.21 1.59
C ALA A 448 21.96 23.61 0.36
N ASN A 449 22.76 24.67 0.46
CA ASN A 449 23.52 25.16 -0.68
C ASN A 449 24.79 24.35 -0.95
N THR A 450 25.13 23.43 -0.05
CA THR A 450 26.37 22.63 -0.21
C THR A 450 26.25 21.72 -1.40
N ILE A 451 25.08 21.12 -1.61
CA ILE A 451 24.90 20.14 -2.68
C ILE A 451 25.03 20.82 -4.04
N ASN A 452 25.81 20.20 -4.92
CA ASN A 452 25.94 20.66 -6.31
C ASN A 452 24.70 20.22 -7.06
N TRP A 453 23.70 21.10 -7.13
CA TRP A 453 22.42 20.69 -7.76
C TRP A 453 22.62 20.38 -9.24
N LYS A 454 23.61 21.00 -9.89
CA LYS A 454 23.79 20.75 -11.31
C LYS A 454 24.13 19.29 -11.61
N LYS A 455 24.61 18.55 -10.61
CA LYS A 455 24.93 17.14 -10.83
C LYS A 455 23.67 16.30 -10.92
N LEU A 456 22.67 16.60 -10.09
CA LEU A 456 21.43 15.82 -10.11
C LEU A 456 20.58 16.15 -11.32
N PHE A 457 20.65 17.39 -11.82
CA PHE A 457 19.81 17.80 -12.93
C PHE A 457 20.20 17.08 -14.21
N GLY A 458 19.21 16.77 -15.04
CA GLY A 458 19.43 16.12 -16.31
C GLY A 458 19.30 17.07 -17.48
N THR A 459 18.42 18.07 -17.35
CA THR A 459 18.22 19.07 -18.38
C THR A 459 19.02 20.32 -18.03
N SER A 460 19.68 20.88 -19.04
CA SER A 460 20.52 22.06 -18.83
C SER A 460 19.73 23.27 -18.38
N GLY A 461 18.44 23.34 -18.70
CA GLY A 461 17.63 24.49 -18.33
C GLY A 461 17.15 24.52 -16.89
N GLN A 462 17.38 23.44 -16.14
CA GLN A 462 16.95 23.40 -14.75
C GLN A 462 17.77 24.36 -13.89
N LYS A 463 17.09 25.00 -12.94
CA LYS A 463 17.79 25.91 -12.01
C LYS A 463 17.47 25.48 -10.57
N THR A 464 17.83 26.31 -9.58
CA THR A 464 17.52 26.00 -8.17
C THR A 464 17.22 27.30 -7.47
N LYS A 465 16.16 27.34 -6.66
CA LYS A 465 15.75 28.59 -5.99
C LYS A 465 15.90 28.43 -4.46
N ILE A 466 17.08 28.02 -4.00
CA ILE A 466 17.29 27.93 -2.52
C ILE A 466 17.45 29.37 -1.98
N ILE A 467 16.42 29.90 -1.33
CA ILE A 467 16.42 31.26 -0.81
C ILE A 467 15.69 31.28 0.54
N SER A 468 16.10 32.22 1.39
CA SER A 468 15.45 32.49 2.67
C SER A 468 15.53 31.30 3.63
N ASN A 469 16.58 30.51 3.51
CA ASN A 469 16.80 29.43 4.53
C ASN A 469 17.81 30.00 5.52
N ARG A 470 18.24 29.20 6.50
CA ARG A 470 19.21 29.66 7.49
C ARG A 470 20.49 30.09 6.78
N GLY A 471 21.01 31.26 7.15
CA GLY A 471 22.16 31.81 6.45
C GLY A 471 23.38 30.93 6.59
N GLU A 472 24.19 30.91 5.52
CA GLU A 472 25.41 30.10 5.51
C GLU A 472 26.37 30.56 6.60
N ASN A 473 26.47 31.88 6.81
CA ASN A 473 27.31 32.40 7.88
C ASN A 473 26.86 31.86 9.23
N SER A 474 25.56 31.96 9.53
CA SER A 474 25.04 31.38 10.76
C SER A 474 25.13 29.85 10.73
N CYS A 475 24.97 29.25 9.55
CA CYS A 475 25.05 27.79 9.41
C CYS A 475 26.40 27.27 9.88
N LYS A 476 27.48 27.95 9.48
CA LYS A 476 28.82 27.57 9.93
C LYS A 476 29.13 28.11 11.32
N ALA A 477 28.46 29.18 11.75
CA ALA A 477 28.72 29.74 13.08
C ALA A 477 28.19 28.82 14.18
N THR A 478 27.02 28.23 13.98
CA THR A 478 26.44 27.36 14.99
C THR A 478 27.09 25.98 15.03
N GLY A 479 28.22 25.79 14.36
CA GLY A 479 28.87 24.50 14.31
C GLY A 479 28.20 23.48 13.43
N GLN A 480 27.22 23.87 12.64
CA GLN A 480 26.48 22.95 11.78
C GLN A 480 27.09 22.95 10.38
N VAL A 481 28.25 22.30 10.29
CA VAL A 481 28.96 22.11 9.03
C VAL A 481 29.16 20.61 8.84
N CYS A 482 28.95 20.15 7.61
CA CYS A 482 29.00 18.73 7.32
C CYS A 482 30.37 18.15 7.67
N HIS A 483 30.44 16.82 7.73
CA HIS A 483 31.65 16.15 8.16
C HIS A 483 32.79 16.40 7.19
N ALA A 484 34.02 16.37 7.73
CA ALA A 484 35.20 16.49 6.88
C ALA A 484 35.28 15.36 5.87
N LEU A 485 34.69 14.21 6.22
CA LEU A 485 34.66 13.04 5.30
C LEU A 485 33.58 13.28 4.24
N CYS A 486 33.71 14.35 3.46
CA CYS A 486 32.67 14.69 2.46
C CYS A 486 33.32 15.50 1.33
N SER A 487 33.37 14.94 0.13
CA SER A 487 33.93 15.67 -1.03
C SER A 487 33.18 16.98 -1.20
N PRO A 488 33.82 18.06 -1.71
CA PRO A 488 33.13 19.32 -1.94
C PRO A 488 31.81 19.17 -2.69
N GLU A 489 31.55 17.98 -3.26
CA GLU A 489 30.31 17.75 -4.05
C GLU A 489 29.11 18.28 -3.24
N GLY A 490 29.07 18.00 -1.94
CA GLY A 490 27.98 18.58 -1.10
C GLY A 490 27.62 17.69 0.06
N CYS A 491 26.63 18.11 0.85
CA CYS A 491 26.16 17.30 2.00
C CYS A 491 24.65 17.50 2.15
N TRP A 492 23.92 16.44 2.47
CA TRP A 492 22.46 16.57 2.68
C TRP A 492 22.15 16.86 4.16
N GLY A 493 23.10 16.59 5.06
CA GLY A 493 22.82 16.76 6.51
C GLY A 493 24.08 16.93 7.33
N PRO A 494 24.06 16.60 8.64
CA PRO A 494 25.20 16.85 9.53
C PRO A 494 26.15 15.68 9.67
N GLU A 495 25.79 14.52 9.12
CA GLU A 495 26.56 13.30 9.30
C GLU A 495 27.06 12.78 7.96
N PRO A 496 28.10 11.93 7.96
CA PRO A 496 28.64 11.42 6.69
C PRO A 496 27.64 10.61 5.87
N ARG A 497 26.57 10.11 6.50
CA ARG A 497 25.56 9.38 5.74
C ARG A 497 24.89 10.27 4.71
N ASP A 498 24.72 11.54 5.07
CA ASP A 498 24.06 12.51 4.16
C ASP A 498 25.12 13.22 3.32
N CYS A 499 25.95 12.44 2.62
CA CYS A 499 27.02 13.02 1.80
C CYS A 499 26.83 12.63 0.35
N VAL A 500 26.85 13.63 -0.53
CA VAL A 500 26.75 13.34 -2.00
C VAL A 500 27.98 12.51 -2.38
N SER A 501 29.18 12.97 -2.00
CA SER A 501 30.40 12.23 -2.25
C SER A 501 31.39 12.54 -1.12
N CYS A 502 32.37 11.68 -0.96
CA CYS A 502 33.26 11.75 0.18
C CYS A 502 34.72 11.72 -0.27
N ARG A 503 35.61 12.08 0.66
CA ARG A 503 36.99 12.39 0.30
C ARG A 503 37.71 11.20 -0.29
N ASN A 504 37.65 10.05 0.40
CA ASN A 504 38.47 8.89 -0.08
C ASN A 504 37.63 7.66 -0.38
N VAL A 505 36.77 7.23 0.54
CA VAL A 505 36.08 5.97 0.39
C VAL A 505 34.63 6.15 0.84
N SER A 506 33.88 5.04 0.84
CA SER A 506 32.49 5.04 1.30
C SER A 506 32.09 3.62 1.62
N ARG A 507 31.65 3.38 2.86
CA ARG A 507 31.11 2.08 3.26
C ARG A 507 29.60 2.14 3.13
N GLY A 508 29.13 1.89 1.91
CA GLY A 508 27.71 2.06 1.64
C GLY A 508 27.36 3.54 1.59
N ARG A 509 26.26 3.91 2.26
CA ARG A 509 25.89 5.32 2.33
C ARG A 509 26.87 6.10 3.20
N GLU A 510 27.17 5.58 4.39
CA GLU A 510 28.15 6.22 5.25
C GLU A 510 29.55 6.06 4.68
N CYS A 511 30.35 7.11 4.79
CA CYS A 511 31.72 7.08 4.28
C CYS A 511 32.70 7.38 5.41
N VAL A 512 33.60 6.43 5.63
CA VAL A 512 34.63 6.60 6.70
C VAL A 512 35.81 7.41 6.15
N ASP A 513 36.83 7.65 6.97
CA ASP A 513 38.04 8.38 6.53
C ASP A 513 38.78 7.54 5.49
N LYS A 514 38.83 6.22 5.71
CA LYS A 514 39.59 5.34 4.79
C LYS A 514 39.14 3.88 4.98
N CYS A 515 39.27 3.07 3.93
CA CYS A 515 38.92 1.66 4.00
C CYS A 515 39.87 0.93 4.94
N ASN A 516 39.43 -0.24 5.41
CA ASN A 516 40.25 -1.09 6.27
C ASN A 516 41.29 -1.84 5.44
N LEU A 517 42.15 -1.07 4.77
CA LEU A 517 43.18 -1.71 3.92
C LEU A 517 44.19 -2.47 4.80
N LEU A 518 44.56 -1.89 5.95
CA LEU A 518 45.52 -2.56 6.83
C LEU A 518 44.95 -2.98 8.17
N GLU A 519 43.99 -2.23 8.72
CA GLU A 519 43.40 -2.55 10.02
C GLU A 519 41.90 -2.31 9.98
N GLY A 520 41.15 -3.26 10.53
CA GLY A 520 39.71 -3.14 10.59
C GLY A 520 39.07 -4.48 10.90
N GLU A 521 37.83 -4.41 11.35
CA GLU A 521 37.09 -5.63 11.70
C GLU A 521 36.57 -6.34 10.44
N PRO A 522 35.84 -5.67 9.54
CA PRO A 522 35.39 -6.35 8.33
C PRO A 522 36.42 -6.35 7.20
N ARG A 523 37.49 -5.57 7.35
CA ARG A 523 38.61 -5.54 6.38
C ARG A 523 38.11 -5.24 4.96
N GLU A 524 37.64 -4.02 4.73
CA GLU A 524 37.25 -3.57 3.39
C GLU A 524 38.45 -3.54 2.45
N PHE A 525 38.16 -3.62 1.16
CA PHE A 525 39.13 -3.32 0.12
C PHE A 525 38.56 -2.23 -0.77
N VAL A 526 39.40 -1.30 -1.17
CA VAL A 526 38.96 -0.12 -1.90
C VAL A 526 38.89 -0.43 -3.39
N GLU A 527 37.86 0.07 -4.05
CA GLU A 527 37.73 -0.01 -5.51
C GLU A 527 36.72 1.03 -5.95
N ASN A 528 37.10 1.83 -6.94
CA ASN A 528 36.26 2.92 -7.44
C ASN A 528 35.80 3.84 -6.31
N SER A 529 36.73 4.11 -5.39
CA SER A 529 36.47 4.97 -4.22
C SER A 529 35.28 4.48 -3.41
N GLU A 530 35.34 3.22 -3.00
CA GLU A 530 34.27 2.62 -2.21
C GLU A 530 34.84 1.47 -1.40
N CYS A 531 34.35 1.31 -0.18
CA CYS A 531 34.78 0.24 0.71
C CYS A 531 33.91 -0.99 0.46
N ILE A 532 34.53 -2.09 0.03
CA ILE A 532 33.85 -3.35 -0.18
C ILE A 532 34.40 -4.36 0.80
N GLN A 533 33.54 -4.90 1.66
CA GLN A 533 33.95 -5.96 2.55
C GLN A 533 34.16 -7.23 1.75
N CYS A 534 35.42 -7.68 1.67
CA CYS A 534 35.73 -8.86 0.81
C CYS A 534 35.22 -10.16 1.44
N HIS A 535 35.42 -11.28 0.74
CA HIS A 535 34.90 -12.59 1.22
C HIS A 535 35.34 -12.80 2.67
N PRO A 536 34.42 -13.23 3.56
CA PRO A 536 34.79 -13.51 4.95
C PRO A 536 35.91 -14.54 5.03
N GLU A 537 35.99 -15.42 4.03
CA GLU A 537 37.02 -16.50 4.05
C GLU A 537 38.41 -15.87 4.15
N CYS A 538 38.63 -14.73 3.49
CA CYS A 538 39.95 -14.07 3.47
C CYS A 538 40.29 -13.52 4.87
N LEU A 539 41.29 -14.10 5.54
CA LEU A 539 41.70 -13.65 6.89
C LEU A 539 42.29 -12.24 6.81
N PRO A 540 42.26 -11.42 7.88
CA PRO A 540 42.88 -10.10 7.86
C PRO A 540 44.38 -10.18 7.68
N GLN A 541 44.96 -9.25 6.92
CA GLN A 541 46.43 -9.21 6.65
C GLN A 541 46.95 -7.83 7.05
N ALA A 542 47.91 -7.75 7.97
CA ALA A 542 48.45 -6.47 8.48
C ALA A 542 49.59 -5.98 7.60
N MET A 543 50.39 -6.89 7.03
CA MET A 543 51.56 -6.50 6.21
C MET A 543 51.09 -5.82 4.92
N ASN A 544 50.08 -6.38 4.25
CA ASN A 544 49.55 -5.83 2.98
C ASN A 544 48.03 -5.69 3.11
N ILE A 545 47.28 -5.73 1.99
CA ILE A 545 45.80 -5.65 2.01
C ILE A 545 45.25 -7.09 1.96
N THR A 546 44.58 -7.54 3.02
CA THR A 546 43.99 -8.90 3.13
C THR A 546 43.44 -9.39 1.81
N CYS A 547 42.74 -8.56 1.03
CA CYS A 547 42.03 -9.05 -0.18
C CYS A 547 42.27 -8.11 -1.37
N THR A 548 42.66 -8.66 -2.53
CA THR A 548 42.84 -7.84 -3.72
C THR A 548 41.51 -7.36 -4.29
N GLY A 549 40.49 -8.22 -4.27
CA GLY A 549 39.21 -7.86 -4.82
C GLY A 549 38.11 -8.74 -4.27
N ARG A 550 36.94 -8.62 -4.89
CA ARG A 550 35.78 -9.40 -4.48
C ARG A 550 35.95 -10.87 -4.86
N GLY A 551 35.16 -11.72 -4.23
CA GLY A 551 35.17 -13.13 -4.53
C GLY A 551 36.13 -13.90 -3.65
N PRO A 552 36.01 -15.25 -3.54
CA PRO A 552 36.88 -15.99 -2.64
C PRO A 552 38.20 -16.33 -3.32
N ASP A 553 38.43 -15.77 -4.51
CA ASP A 553 39.67 -16.07 -5.29
C ASP A 553 40.48 -14.78 -5.47
N ASN A 554 40.23 -13.77 -4.64
CA ASN A 554 40.93 -12.49 -4.77
C ASN A 554 41.52 -12.04 -3.45
N CYS A 555 42.05 -13.00 -2.69
CA CYS A 555 42.76 -12.66 -1.43
C CYS A 555 44.03 -13.50 -1.30
N ILE A 556 45.06 -12.98 -0.63
CA ILE A 556 46.39 -13.65 -0.54
C ILE A 556 46.34 -14.75 0.52
N GLN A 557 45.55 -14.56 1.58
CA GLN A 557 45.46 -15.51 2.68
C GLN A 557 44.00 -15.80 2.99
N CYS A 558 43.69 -17.10 3.14
CA CYS A 558 42.30 -17.52 3.43
C CYS A 558 42.24 -18.16 4.83
N ALA A 559 41.39 -17.62 5.71
CA ALA A 559 41.25 -18.15 7.06
C ALA A 559 40.84 -19.62 7.05
N HIS A 560 39.93 -19.99 6.16
CA HIS A 560 39.50 -21.37 6.00
C HIS A 560 40.24 -22.00 4.83
N TYR A 561 39.78 -23.19 4.45
CA TYR A 561 40.45 -23.94 3.36
C TYR A 561 40.29 -23.23 2.04
N ILE A 562 41.21 -23.47 1.11
CA ILE A 562 41.10 -22.85 -0.24
C ILE A 562 40.90 -23.95 -1.30
N ASP A 563 39.77 -23.90 -2.02
CA ASP A 563 39.51 -24.88 -3.11
C ASP A 563 40.10 -24.31 -4.41
N GLY A 564 41.20 -24.88 -4.89
CA GLY A 564 41.85 -24.33 -6.09
C GLY A 564 42.18 -22.88 -5.86
N PRO A 565 41.61 -21.92 -6.63
CA PRO A 565 41.85 -20.51 -6.37
C PRO A 565 40.85 -19.89 -5.39
N HIS A 566 39.72 -20.54 -5.11
CA HIS A 566 38.62 -19.93 -4.29
C HIS A 566 38.59 -20.39 -2.83
N CYS A 567 38.81 -19.51 -1.84
CA CYS A 567 38.83 -19.88 -0.41
C CYS A 567 37.40 -20.28 0.02
N VAL A 568 37.22 -21.43 0.68
CA VAL A 568 35.85 -21.90 1.00
C VAL A 568 35.76 -22.31 2.48
N LYS A 569 34.57 -22.19 3.09
CA LYS A 569 34.42 -22.65 4.47
C LYS A 569 34.89 -24.09 4.62
N THR A 570 34.39 -24.98 3.79
CA THR A 570 34.79 -26.38 3.75
C THR A 570 35.03 -26.79 2.31
N CYS A 571 35.91 -27.77 2.13
CA CYS A 571 36.16 -28.29 0.79
C CYS A 571 34.87 -28.91 0.24
N PRO A 572 34.61 -28.78 -1.06
CA PRO A 572 33.34 -29.29 -1.61
C PRO A 572 33.22 -30.80 -1.49
N ALA A 573 32.29 -31.24 -0.63
CA ALA A 573 32.07 -32.66 -0.38
C ALA A 573 30.58 -32.95 -0.47
N GLY A 574 30.24 -34.00 -1.23
CA GLY A 574 28.86 -34.40 -1.40
C GLY A 574 28.09 -33.62 -2.43
N VAL A 575 28.71 -32.67 -3.12
CA VAL A 575 28.01 -31.86 -4.12
C VAL A 575 27.96 -32.63 -5.43
N MET A 576 26.88 -32.40 -6.18
CA MET A 576 26.71 -33.06 -7.47
C MET A 576 27.69 -32.49 -8.49
N GLY A 577 28.38 -33.37 -9.20
CA GLY A 577 29.38 -32.96 -10.16
C GLY A 577 29.11 -33.42 -11.58
N GLU A 578 30.17 -33.54 -12.37
CA GLU A 578 30.04 -33.93 -13.77
C GLU A 578 29.63 -35.40 -13.87
N ASN A 579 28.95 -35.72 -14.98
CA ASN A 579 28.51 -37.09 -15.29
C ASN A 579 27.63 -37.68 -14.20
N ASN A 580 26.84 -36.82 -13.55
CA ASN A 580 25.89 -37.24 -12.52
C ASN A 580 26.58 -38.03 -11.40
N THR A 581 27.78 -37.57 -11.02
CA THR A 581 28.56 -38.23 -9.98
C THR A 581 28.91 -37.21 -8.90
N LEU A 582 28.70 -37.59 -7.65
CA LEU A 582 29.04 -36.72 -6.53
C LEU A 582 30.55 -36.55 -6.43
N VAL A 583 30.97 -35.36 -6.03
CA VAL A 583 32.38 -35.03 -5.87
C VAL A 583 32.64 -34.71 -4.39
N TRP A 584 33.77 -35.19 -3.88
CA TRP A 584 34.18 -34.94 -2.50
C TRP A 584 35.62 -34.50 -2.49
N LYS A 585 35.93 -33.51 -1.65
CA LYS A 585 37.27 -32.94 -1.57
C LYS A 585 37.72 -32.87 -0.12
N TYR A 586 39.00 -33.07 0.11
CA TYR A 586 39.63 -32.98 1.42
C TYR A 586 40.66 -31.85 1.41
N ALA A 587 41.23 -31.58 2.58
CA ALA A 587 42.17 -30.49 2.76
C ALA A 587 43.52 -31.02 3.19
N ASP A 588 44.58 -30.45 2.62
CA ASP A 588 45.95 -30.83 2.96
C ASP A 588 46.44 -29.98 4.13
N ALA A 589 47.73 -30.10 4.45
CA ALA A 589 48.32 -29.29 5.51
C ALA A 589 48.34 -27.81 5.14
N GLY A 590 48.41 -27.50 3.85
CA GLY A 590 48.41 -26.14 3.35
C GLY A 590 47.04 -25.56 3.12
N HIS A 591 45.98 -26.19 3.65
CA HIS A 591 44.59 -25.76 3.52
C HIS A 591 44.08 -25.80 2.09
N VAL A 592 44.80 -26.44 1.18
CA VAL A 592 44.36 -26.55 -0.21
C VAL A 592 43.40 -27.73 -0.34
N CYS A 593 42.31 -27.52 -1.06
CA CYS A 593 41.30 -28.55 -1.27
C CYS A 593 41.69 -29.37 -2.50
N HIS A 594 42.03 -30.62 -2.30
CA HIS A 594 42.45 -31.52 -3.37
C HIS A 594 41.32 -32.47 -3.73
N LEU A 595 41.16 -32.73 -5.02
CA LEU A 595 40.13 -33.64 -5.50
C LEU A 595 40.46 -35.07 -5.08
N CYS A 596 39.43 -35.80 -4.66
CA CYS A 596 39.60 -37.18 -4.25
C CYS A 596 39.75 -38.10 -5.45
N GLN B 1 -4.29 37.78 13.25
CA GLN B 1 -5.48 36.95 13.40
C GLN B 1 -6.16 36.73 12.06
N VAL B 2 -6.92 35.63 11.96
CA VAL B 2 -7.64 35.32 10.72
C VAL B 2 -8.83 36.27 10.59
N GLN B 3 -8.94 36.90 9.43
CA GLN B 3 -10.02 37.87 9.19
C GLN B 3 -10.36 37.84 7.70
N LEU B 4 -11.57 37.34 7.39
CA LEU B 4 -12.02 37.25 5.98
C LEU B 4 -12.93 38.44 5.68
N VAL B 5 -12.65 39.19 4.61
CA VAL B 5 -13.44 40.42 4.32
C VAL B 5 -14.13 40.26 2.95
N GLN B 6 -15.43 40.53 2.90
CA GLN B 6 -16.18 40.42 1.62
C GLN B 6 -16.50 41.82 1.09
N SER B 7 -16.89 41.93 -0.19
CA SER B 7 -17.22 43.21 -0.78
C SER B 7 -18.45 43.82 -0.10
N GLY B 8 -19.59 43.13 -0.19
CA GLY B 8 -20.79 43.55 0.50
C GLY B 8 -21.50 44.69 -0.22
N ALA B 9 -22.76 44.90 0.18
CA ALA B 9 -23.60 45.99 -0.32
C ALA B 9 -23.71 45.94 -1.84
N GLU B 10 -24.30 44.85 -2.33
CA GLU B 10 -24.50 44.64 -3.77
C GLU B 10 -25.99 44.61 -4.06
N VAL B 11 -26.40 45.37 -5.07
CA VAL B 11 -27.78 45.38 -5.55
C VAL B 11 -27.76 45.17 -7.06
N LYS B 12 -28.57 44.23 -7.54
CA LYS B 12 -28.55 43.86 -8.94
C LYS B 12 -29.95 43.82 -9.54
N LYS B 13 -30.07 43.31 -10.77
CA LYS B 13 -31.33 43.15 -11.46
C LYS B 13 -31.48 41.71 -11.92
N PRO B 14 -32.71 41.24 -12.10
CA PRO B 14 -32.91 39.85 -12.54
C PRO B 14 -32.25 39.60 -13.89
N GLY B 15 -31.69 38.41 -14.05
CA GLY B 15 -31.02 38.04 -15.27
C GLY B 15 -29.62 38.58 -15.42
N ALA B 16 -29.08 39.22 -14.39
CA ALA B 16 -27.74 39.79 -14.44
C ALA B 16 -26.75 38.87 -13.73
N SER B 17 -25.51 39.33 -13.61
CA SER B 17 -24.45 38.57 -12.97
C SER B 17 -23.82 39.41 -11.86
N VAL B 18 -23.54 38.77 -10.73
CA VAL B 18 -22.89 39.42 -9.59
C VAL B 18 -21.67 38.61 -9.19
N LYS B 19 -20.57 39.30 -8.92
CA LYS B 19 -19.34 38.69 -8.48
C LYS B 19 -18.84 39.41 -7.23
N VAL B 20 -18.63 38.66 -6.16
CA VAL B 20 -18.23 39.22 -4.88
C VAL B 20 -16.90 38.59 -4.46
N SER B 21 -16.07 39.38 -3.79
CA SER B 21 -14.74 38.96 -3.40
C SER B 21 -14.72 38.51 -1.94
N CYS B 22 -13.59 37.93 -1.54
CA CYS B 22 -13.36 37.53 -0.14
C CYS B 22 -11.88 37.71 0.16
N LYS B 23 -11.53 38.87 0.71
CA LYS B 23 -10.15 39.16 1.09
C LYS B 23 -9.84 38.41 2.38
N ALA B 24 -9.09 37.32 2.26
CA ALA B 24 -8.73 36.47 3.39
C ALA B 24 -7.32 36.83 3.84
N SER B 25 -7.17 37.20 5.10
CA SER B 25 -5.90 37.61 5.66
C SER B 25 -5.67 36.89 6.98
N GLY B 26 -4.46 37.02 7.51
CA GLY B 26 -4.08 36.40 8.76
C GLY B 26 -3.70 34.95 8.69
N TYR B 27 -3.70 34.35 7.50
CA TYR B 27 -3.35 32.94 7.34
C TYR B 27 -2.97 32.70 5.89
N THR B 28 -2.42 31.52 5.61
CA THR B 28 -2.09 31.15 4.21
C THR B 28 -3.39 30.87 3.47
N PHE B 29 -3.79 31.77 2.56
CA PHE B 29 -5.11 31.64 1.88
C PHE B 29 -5.18 30.39 1.02
N THR B 30 -4.05 29.83 0.60
CA THR B 30 -4.09 28.68 -0.34
C THR B 30 -4.13 27.37 0.39
N SER B 31 -4.11 27.39 1.73
CA SER B 31 -4.05 26.11 2.51
C SER B 31 -5.42 25.77 3.09
N TYR B 32 -6.48 26.51 2.69
CA TYR B 32 -7.80 26.29 3.31
C TYR B 32 -8.91 26.42 2.28
N TRP B 33 -9.90 25.53 2.32
CA TRP B 33 -11.05 25.67 1.45
C TRP B 33 -11.75 26.99 1.72
N MET B 34 -12.27 27.61 0.67
CA MET B 34 -13.04 28.85 0.79
C MET B 34 -14.48 28.54 0.39
N HIS B 35 -15.28 28.14 1.37
CA HIS B 35 -16.68 27.82 1.13
C HIS B 35 -17.49 29.10 0.93
N TRP B 36 -18.60 28.96 0.22
CA TRP B 36 -19.55 30.04 0.02
C TRP B 36 -20.92 29.57 0.47
N VAL B 37 -21.55 30.33 1.36
CA VAL B 37 -22.83 29.97 1.96
C VAL B 37 -23.78 31.15 1.80
N ARG B 38 -25.02 30.86 1.42
CA ARG B 38 -26.04 31.89 1.25
C ARG B 38 -27.14 31.71 2.29
N GLN B 39 -27.73 32.84 2.69
CA GLN B 39 -28.81 32.86 3.68
C GLN B 39 -29.95 33.69 3.11
N ALA B 40 -30.85 33.05 2.37
CA ALA B 40 -31.99 33.75 1.81
C ALA B 40 -32.97 34.11 2.91
N PRO B 41 -33.62 35.27 2.83
CA PRO B 41 -34.65 35.60 3.82
C PRO B 41 -35.78 34.57 3.79
N GLY B 42 -36.26 34.22 4.98
CA GLY B 42 -37.25 33.18 5.12
C GLY B 42 -36.71 31.76 5.05
N GLN B 43 -35.40 31.60 4.91
CA GLN B 43 -34.78 30.29 4.83
C GLN B 43 -33.47 30.31 5.63
N GLY B 44 -33.00 29.10 5.94
CA GLY B 44 -31.75 29.00 6.70
C GLY B 44 -30.56 29.09 5.78
N LEU B 45 -29.37 28.97 6.34
CA LEU B 45 -28.14 29.04 5.56
C LEU B 45 -28.10 27.90 4.55
N GLU B 46 -27.61 28.20 3.35
CA GLU B 46 -27.56 27.23 2.26
C GLU B 46 -26.18 27.25 1.62
N TRP B 47 -25.53 26.10 1.60
CA TRP B 47 -24.23 25.97 0.95
C TRP B 47 -24.38 26.08 -0.56
N MET B 48 -23.43 26.78 -1.20
CA MET B 48 -23.50 27.01 -2.63
C MET B 48 -22.21 26.67 -3.36
N GLY B 49 -21.27 26.00 -2.71
CA GLY B 49 -20.03 25.62 -3.36
C GLY B 49 -18.79 26.19 -2.71
N ASN B 50 -17.64 25.53 -2.88
CA ASN B 50 -16.39 26.02 -2.33
C ASN B 50 -15.31 26.07 -3.40
N ILE B 51 -14.08 26.40 -2.99
CA ILE B 51 -12.95 26.49 -3.91
C ILE B 51 -11.68 26.21 -3.12
N TRP B 52 -10.70 25.56 -3.75
CA TRP B 52 -9.39 25.32 -3.11
C TRP B 52 -8.37 26.28 -3.72
N PRO B 53 -8.03 27.41 -3.07
CA PRO B 53 -7.14 28.42 -3.66
C PRO B 53 -5.78 27.89 -4.08
N GLY B 54 -5.32 26.77 -3.51
CA GLY B 54 -4.03 26.23 -3.90
C GLY B 54 -4.00 25.75 -5.33
N SER B 55 -5.12 25.20 -5.81
CA SER B 55 -5.20 24.64 -7.15
C SER B 55 -6.37 25.16 -7.98
N GLY B 56 -7.34 25.83 -7.36
CA GLY B 56 -8.50 26.30 -8.10
C GLY B 56 -9.56 25.25 -8.34
N GLY B 57 -9.48 24.10 -7.68
CA GLY B 57 -10.46 23.05 -7.85
C GLY B 57 -11.72 23.30 -7.05
N THR B 58 -12.79 23.68 -7.72
CA THR B 58 -14.03 24.06 -7.06
C THR B 58 -15.04 22.92 -7.06
N ASN B 59 -15.84 22.87 -6.00
CA ASN B 59 -17.01 22.00 -5.92
C ASN B 59 -18.26 22.86 -5.91
N TYR B 60 -19.39 22.25 -6.25
CA TYR B 60 -20.59 23.02 -6.51
C TYR B 60 -21.80 22.30 -5.95
N ALA B 61 -22.85 23.07 -5.67
CA ALA B 61 -24.14 22.52 -5.32
C ALA B 61 -24.97 22.29 -6.58
N GLU B 62 -25.87 21.31 -6.51
CA GLU B 62 -26.67 20.97 -7.67
C GLU B 62 -27.54 22.15 -8.12
N LYS B 63 -27.95 23.00 -7.17
CA LYS B 63 -28.77 24.15 -7.49
C LYS B 63 -27.97 25.30 -8.09
N PHE B 64 -26.63 25.24 -8.04
CA PHE B 64 -25.79 26.29 -8.59
C PHE B 64 -24.69 25.76 -9.52
N LYS B 65 -24.69 24.47 -9.84
CA LYS B 65 -23.57 23.90 -10.59
C LYS B 65 -23.43 24.55 -11.97
N ASN B 66 -24.54 24.77 -12.65
CA ASN B 66 -24.53 25.38 -13.97
C ASN B 66 -24.75 26.90 -13.92
N ARG B 67 -24.78 27.49 -12.73
CA ARG B 67 -25.12 28.90 -12.59
C ARG B 67 -24.04 29.74 -11.91
N VAL B 68 -23.18 29.15 -11.09
CA VAL B 68 -22.19 29.90 -10.32
C VAL B 68 -20.80 29.46 -10.73
N THR B 69 -19.88 30.41 -10.79
CA THR B 69 -18.46 30.17 -11.04
C THR B 69 -17.66 30.88 -9.96
N MET B 70 -16.76 30.14 -9.30
CA MET B 70 -15.90 30.70 -8.28
C MET B 70 -14.45 30.56 -8.70
N THR B 71 -13.71 31.66 -8.67
CA THR B 71 -12.30 31.68 -9.01
C THR B 71 -11.52 32.39 -7.92
N ARG B 72 -10.29 31.94 -7.70
CA ARG B 72 -9.44 32.50 -6.66
C ARG B 72 -8.38 33.42 -7.26
N ASP B 73 -7.85 34.30 -6.40
CA ASP B 73 -6.76 35.20 -6.75
C ASP B 73 -5.63 34.92 -5.74
N THR B 74 -4.74 34.00 -6.10
CA THR B 74 -3.70 33.57 -5.17
C THR B 74 -2.76 34.70 -4.81
N SER B 75 -2.37 35.52 -5.78
CA SER B 75 -1.38 36.57 -5.53
C SER B 75 -1.88 37.58 -4.52
N ILE B 76 -3.14 38.01 -4.63
CA ILE B 76 -3.71 39.01 -3.72
C ILE B 76 -4.47 38.38 -2.57
N SER B 77 -4.57 37.05 -2.52
CA SER B 77 -5.25 36.32 -1.45
C SER B 77 -6.72 36.78 -1.33
N THR B 78 -7.47 36.51 -2.40
CA THR B 78 -8.87 36.89 -2.45
C THR B 78 -9.62 35.91 -3.35
N ALA B 79 -10.60 35.22 -2.77
CA ALA B 79 -11.45 34.32 -3.53
C ALA B 79 -12.69 35.05 -4.01
N TYR B 80 -13.28 34.56 -5.10
CA TYR B 80 -14.40 35.20 -5.76
C TYR B 80 -15.55 34.22 -5.94
N MET B 81 -16.76 34.78 -6.07
CA MET B 81 -17.97 34.00 -6.30
C MET B 81 -18.83 34.75 -7.30
N GLU B 82 -18.98 34.21 -8.50
CA GLU B 82 -19.73 34.84 -9.57
C GLU B 82 -21.03 34.09 -9.79
N LEU B 83 -22.15 34.73 -9.44
CA LEU B 83 -23.48 34.17 -9.64
C LEU B 83 -24.12 34.88 -10.82
N SER B 84 -24.50 34.11 -11.85
CA SER B 84 -25.09 34.65 -13.06
C SER B 84 -26.56 34.27 -13.13
N ARG B 85 -27.28 34.92 -14.05
CA ARG B 85 -28.70 34.70 -14.27
C ARG B 85 -29.48 34.80 -12.96
N LEU B 86 -29.31 35.92 -12.27
CA LEU B 86 -29.93 36.12 -10.98
C LEU B 86 -31.46 36.06 -11.10
N ARG B 87 -32.08 35.30 -10.21
CA ARG B 87 -33.52 35.12 -10.18
C ARG B 87 -34.11 35.96 -9.05
N SER B 88 -35.43 35.85 -8.86
CA SER B 88 -36.07 36.56 -7.75
C SER B 88 -35.70 35.96 -6.40
N ASP B 89 -35.40 34.66 -6.37
CA ASP B 89 -35.04 33.98 -5.14
C ASP B 89 -33.54 34.04 -4.85
N ASP B 90 -32.76 34.71 -5.69
CA ASP B 90 -31.32 34.79 -5.49
C ASP B 90 -30.91 35.86 -4.50
N THR B 91 -31.84 36.66 -4.00
CA THR B 91 -31.52 37.65 -2.97
C THR B 91 -31.25 36.94 -1.65
N ALA B 92 -30.07 37.16 -1.09
CA ALA B 92 -29.63 36.45 0.10
C ALA B 92 -28.42 37.18 0.67
N VAL B 93 -27.83 36.62 1.71
CA VAL B 93 -26.58 37.09 2.28
C VAL B 93 -25.52 36.02 2.03
N TYR B 94 -24.50 36.36 1.27
CA TYR B 94 -23.49 35.41 0.84
C TYR B 94 -22.26 35.53 1.74
N TYR B 95 -21.90 34.43 2.38
CA TYR B 95 -20.75 34.37 3.28
C TYR B 95 -19.64 33.56 2.64
N CYS B 96 -18.40 34.03 2.80
CA CYS B 96 -17.22 33.25 2.41
C CYS B 96 -16.66 32.64 3.69
N ALA B 97 -17.03 31.41 3.96
CA ALA B 97 -16.57 30.72 5.15
C ALA B 97 -15.20 30.11 4.87
N ARG B 98 -14.70 29.29 5.78
CA ARG B 98 -13.36 28.71 5.65
C ARG B 98 -13.34 27.39 6.38
N SER B 99 -13.24 26.29 5.65
CA SER B 99 -13.26 24.97 6.25
C SER B 99 -12.02 24.75 7.12
N GLY B 100 -12.22 24.14 8.29
CA GLY B 100 -11.08 23.82 9.16
C GLY B 100 -10.72 22.35 9.01
N GLY B 101 -10.32 21.72 10.10
CA GLY B 101 -9.97 20.28 10.05
C GLY B 101 -11.03 19.45 10.72
N PRO B 102 -11.31 19.58 12.04
CA PRO B 102 -12.40 18.82 12.64
C PRO B 102 -13.73 19.54 12.50
N TYR B 103 -13.70 20.83 12.12
CA TYR B 103 -14.96 21.61 12.05
C TYR B 103 -15.12 22.22 10.67
N PHE B 104 -16.27 22.87 10.45
CA PHE B 104 -16.51 23.57 9.17
C PHE B 104 -16.65 25.06 9.43
N PHE B 105 -16.23 25.89 8.47
CA PHE B 105 -16.45 27.35 8.59
C PHE B 105 -16.03 27.87 9.96
N ASP B 106 -14.76 27.67 10.35
CA ASP B 106 -14.26 28.23 11.62
C ASP B 106 -14.44 29.74 11.56
N TYR B 107 -13.91 30.38 10.50
CA TYR B 107 -14.02 31.83 10.35
C TYR B 107 -14.92 32.16 9.17
N TRP B 108 -15.78 33.15 9.35
CA TRP B 108 -16.74 33.58 8.34
C TRP B 108 -16.43 35.01 7.91
N GLY B 109 -16.84 35.32 6.68
CA GLY B 109 -16.69 36.71 6.21
C GLY B 109 -17.84 37.52 6.76
N GLN B 110 -17.69 38.85 6.81
CA GLN B 110 -18.75 39.68 7.45
C GLN B 110 -20.10 39.35 6.79
N GLY B 111 -20.12 39.16 5.47
CA GLY B 111 -21.38 38.86 4.77
C GLY B 111 -21.63 39.84 3.63
N THR B 112 -22.11 39.35 2.49
CA THR B 112 -22.44 40.19 1.35
C THR B 112 -23.91 40.00 1.02
N LEU B 113 -24.69 41.06 1.16
CA LEU B 113 -26.12 41.03 0.89
C LEU B 113 -26.35 41.45 -0.56
N VAL B 114 -26.65 40.48 -1.43
CA VAL B 114 -26.93 40.76 -2.83
C VAL B 114 -28.45 40.77 -2.96
N THR B 115 -29.04 41.94 -2.80
CA THR B 115 -30.49 42.11 -2.87
C THR B 115 -30.88 42.30 -4.33
N VAL B 116 -31.61 41.34 -4.88
CA VAL B 116 -32.04 41.36 -6.26
C VAL B 116 -33.55 41.08 -6.31
N SER B 117 -34.26 41.86 -7.12
CA SER B 117 -35.71 41.71 -7.23
C SER B 117 -36.16 42.28 -8.57
N SER B 118 -37.36 41.87 -8.99
CA SER B 118 -37.93 42.34 -10.24
C SER B 118 -38.37 43.80 -10.14
N ASP B 139 -30.01 15.55 -1.13
CA ASP B 139 -29.55 16.41 -0.05
C ASP B 139 -30.18 16.01 1.28
N ILE B 140 -29.34 15.89 2.31
CA ILE B 140 -29.82 15.54 3.64
C ILE B 140 -30.57 16.74 4.21
N VAL B 141 -31.87 16.60 4.44
CA VAL B 141 -32.68 17.68 4.97
C VAL B 141 -32.51 17.69 6.49
N MET B 142 -31.97 18.80 7.00
CA MET B 142 -31.77 18.96 8.46
C MET B 142 -32.86 19.91 8.97
N THR B 143 -33.75 19.42 9.83
CA THR B 143 -34.87 20.26 10.34
C THR B 143 -34.80 20.32 11.85
N GLN B 144 -34.88 21.52 12.41
CA GLN B 144 -34.85 21.68 13.88
C GLN B 144 -36.28 21.60 14.43
N SER B 145 -36.52 20.69 15.39
CA SER B 145 -37.87 20.52 15.93
C SER B 145 -38.45 21.80 16.51
N PRO B 146 -37.74 22.57 17.34
CA PRO B 146 -38.25 23.88 17.74
C PRO B 146 -38.06 24.90 16.63
N LEU B 147 -38.72 26.04 16.80
CA LEU B 147 -38.59 27.14 15.81
C LEU B 147 -38.91 28.46 16.53
N SER B 148 -37.93 29.35 16.62
CA SER B 148 -38.08 30.66 17.28
C SER B 148 -38.54 30.49 18.73
N LEU B 149 -37.92 29.52 19.42
CA LEU B 149 -38.32 29.22 20.82
C LEU B 149 -37.94 30.38 21.74
N PRO B 150 -38.87 30.93 22.54
CA PRO B 150 -38.55 31.97 23.52
C PRO B 150 -38.21 31.38 24.88
N VAL B 151 -37.24 32.00 25.56
CA VAL B 151 -36.80 31.57 26.87
C VAL B 151 -36.57 32.79 27.75
N THR B 152 -36.36 32.53 29.04
CA THR B 152 -36.11 33.55 30.03
C THR B 152 -34.63 33.57 30.38
N PRO B 153 -33.99 34.75 30.47
CA PRO B 153 -32.56 34.81 30.81
C PRO B 153 -32.22 34.07 32.09
N GLY B 154 -31.43 33.02 31.97
CA GLY B 154 -31.08 32.18 33.10
C GLY B 154 -31.62 30.78 32.99
N GLU B 155 -32.84 30.66 32.49
CA GLU B 155 -33.44 29.34 32.31
C GLU B 155 -32.76 28.59 31.17
N PRO B 156 -32.40 27.33 31.36
CA PRO B 156 -31.76 26.57 30.29
C PRO B 156 -32.71 26.34 29.12
N ALA B 157 -32.16 26.43 27.92
CA ALA B 157 -32.92 26.15 26.69
C ALA B 157 -32.41 24.87 26.05
N SER B 158 -33.15 24.40 25.05
CA SER B 158 -32.79 23.18 24.34
C SER B 158 -33.34 23.25 22.93
N ILE B 159 -32.45 23.24 21.94
CA ILE B 159 -32.82 23.25 20.53
C ILE B 159 -32.53 21.88 19.96
N SER B 160 -33.57 21.17 19.54
CA SER B 160 -33.42 19.87 18.91
C SER B 160 -33.32 20.03 17.40
N CYS B 161 -32.67 19.07 16.76
CA CYS B 161 -32.52 19.08 15.31
C CYS B 161 -32.68 17.65 14.78
N ARG B 162 -33.43 17.53 13.70
CA ARG B 162 -33.74 16.24 13.08
C ARG B 162 -33.14 16.21 11.68
N SER B 163 -32.46 15.12 11.36
CA SER B 163 -31.88 14.95 10.04
C SER B 163 -32.69 13.96 9.23
N SER B 164 -32.80 14.22 7.92
CA SER B 164 -33.58 13.35 7.06
C SER B 164 -33.00 11.94 7.00
N GLN B 165 -31.68 11.84 6.93
CA GLN B 165 -30.97 10.57 6.95
C GLN B 165 -30.00 10.53 8.12
N ASN B 166 -29.24 9.45 8.20
CA ASN B 166 -28.19 9.32 9.21
C ASN B 166 -26.94 10.04 8.71
N ILE B 167 -26.51 11.06 9.44
CA ILE B 167 -25.40 11.90 9.01
C ILE B 167 -24.07 11.44 9.62
N VAL B 168 -24.01 10.22 10.15
CA VAL B 168 -22.76 9.65 10.63
C VAL B 168 -21.96 9.23 9.40
N HIS B 169 -20.86 9.94 9.15
CA HIS B 169 -20.08 9.69 7.95
C HIS B 169 -19.37 8.33 8.03
N ASN B 170 -18.95 7.85 6.86
CA ASN B 170 -18.33 6.52 6.78
C ASN B 170 -17.03 6.45 7.57
N ASN B 171 -16.32 7.58 7.70
CA ASN B 171 -15.07 7.58 8.45
C ASN B 171 -15.26 7.44 9.95
N GLY B 172 -16.50 7.52 10.44
CA GLY B 172 -16.78 7.43 11.85
C GLY B 172 -16.94 8.75 12.57
N ILE B 173 -16.75 9.87 11.87
CA ILE B 173 -16.89 11.20 12.44
C ILE B 173 -18.12 11.85 11.85
N THR B 174 -19.05 12.26 12.72
CA THR B 174 -20.26 12.95 12.29
C THR B 174 -19.98 14.46 12.29
N TYR B 175 -20.23 15.10 11.15
CA TYR B 175 -19.97 16.53 11.00
C TYR B 175 -21.21 17.35 11.33
N LEU B 176 -21.75 17.09 12.52
CA LEU B 176 -22.83 17.89 13.08
C LEU B 176 -22.24 19.13 13.73
N GLU B 177 -22.83 20.28 13.41
CA GLU B 177 -22.29 21.54 13.94
C GLU B 177 -23.45 22.49 14.26
N TRP B 178 -23.22 23.39 15.22
CA TRP B 178 -24.25 24.37 15.61
C TRP B 178 -23.65 25.77 15.43
N TYR B 179 -24.32 26.60 14.64
CA TYR B 179 -23.87 27.96 14.36
C TYR B 179 -24.85 28.94 14.94
N LEU B 180 -24.31 29.92 15.67
CA LEU B 180 -25.17 30.97 16.29
C LEU B 180 -24.99 32.29 15.53
N GLN B 181 -25.96 32.62 14.68
CA GLN B 181 -25.96 33.90 13.97
C GLN B 181 -26.58 34.93 14.89
N LYS B 182 -25.73 35.64 15.62
CA LYS B 182 -26.21 36.70 16.48
C LYS B 182 -26.71 37.88 15.64
N PRO B 183 -27.66 38.66 16.15
CA PRO B 183 -28.24 39.75 15.35
C PRO B 183 -27.18 40.74 14.89
N GLY B 184 -27.01 40.83 13.57
CA GLY B 184 -26.10 41.76 12.96
C GLY B 184 -24.71 41.22 12.66
N GLN B 185 -24.43 39.96 12.98
CA GLN B 185 -23.11 39.38 12.76
C GLN B 185 -23.24 38.05 12.02
N SER B 186 -22.13 37.63 11.44
CA SER B 186 -22.08 36.37 10.70
C SER B 186 -22.19 35.18 11.64
N PRO B 187 -22.62 34.03 11.14
CA PRO B 187 -22.70 32.84 12.00
C PRO B 187 -21.34 32.48 12.57
N GLN B 188 -21.36 31.98 13.81
CA GLN B 188 -20.15 31.57 14.51
C GLN B 188 -20.33 30.16 15.03
N LEU B 189 -19.30 29.32 14.89
CA LEU B 189 -19.40 27.90 15.28
C LEU B 189 -19.48 27.80 16.81
N LEU B 190 -20.42 27.01 17.34
CA LEU B 190 -20.58 26.80 18.80
C LEU B 190 -20.11 25.37 19.11
N ILE B 191 -20.73 24.37 18.48
CA ILE B 191 -20.34 22.94 18.72
C ILE B 191 -19.68 22.43 17.44
N TYR B 192 -18.35 22.30 17.43
CA TYR B 192 -17.62 21.94 16.17
C TYR B 192 -17.88 20.48 15.79
N LYS B 193 -18.33 19.65 16.73
CA LYS B 193 -18.68 18.25 16.36
C LYS B 193 -20.07 17.97 16.92
N VAL B 194 -20.44 16.69 17.00
CA VAL B 194 -21.73 16.35 17.59
C VAL B 194 -21.79 16.85 19.04
N SER B 195 -20.67 16.76 19.76
CA SER B 195 -20.60 17.26 21.13
C SER B 195 -19.38 18.13 21.41
N ASP B 196 -18.36 18.05 20.55
CA ASP B 196 -17.11 18.83 20.76
C ASP B 196 -17.40 20.32 20.58
N ARG B 197 -17.22 21.10 21.64
CA ARG B 197 -17.53 22.55 21.58
C ARG B 197 -16.33 23.30 20.97
N PHE B 198 -16.58 24.46 20.38
CA PHE B 198 -15.51 25.23 19.70
C PHE B 198 -14.69 26.02 20.71
N SER B 199 -13.62 26.70 20.26
CA SER B 199 -12.75 27.50 21.10
C SER B 199 -13.25 28.94 21.13
N GLY B 200 -13.40 29.48 22.35
CA GLY B 200 -13.86 30.85 22.53
C GLY B 200 -15.32 30.99 22.88
N VAL B 201 -16.06 29.89 23.02
CA VAL B 201 -17.47 29.94 23.40
C VAL B 201 -17.61 29.36 24.81
N PRO B 202 -18.56 29.85 25.60
CA PRO B 202 -18.67 29.39 26.99
C PRO B 202 -19.14 27.95 27.07
N ASP B 203 -19.01 27.39 28.29
CA ASP B 203 -19.45 26.04 28.59
C ASP B 203 -20.96 25.91 28.62
N ARG B 204 -21.70 27.02 28.49
CA ARG B 204 -23.16 26.96 28.51
C ARG B 204 -23.69 26.09 27.38
N PHE B 205 -23.14 26.24 26.18
CA PHE B 205 -23.55 25.43 25.04
C PHE B 205 -22.95 24.03 25.15
N SER B 206 -23.78 23.02 24.95
CA SER B 206 -23.31 21.63 25.02
C SER B 206 -24.13 20.81 24.03
N GLY B 207 -23.57 20.61 22.84
CA GLY B 207 -24.23 19.79 21.85
C GLY B 207 -24.33 18.34 22.29
N SER B 208 -25.41 17.69 21.87
CA SER B 208 -25.66 16.32 22.28
C SER B 208 -26.47 15.62 21.19
N GLY B 209 -26.46 14.29 21.25
CA GLY B 209 -27.20 13.47 20.32
C GLY B 209 -26.30 12.43 19.66
N SER B 210 -26.95 11.56 18.88
CA SER B 210 -26.24 10.53 18.14
C SER B 210 -27.18 10.01 17.05
N GLY B 211 -26.59 9.31 16.09
CA GLY B 211 -27.36 8.73 15.02
C GLY B 211 -28.05 9.75 14.14
N THR B 212 -29.37 9.86 14.27
CA THR B 212 -30.17 10.73 13.41
C THR B 212 -30.69 11.97 14.11
N ASP B 213 -30.86 11.94 15.43
CA ASP B 213 -31.39 13.05 16.20
C ASP B 213 -30.27 13.74 16.97
N PHE B 214 -30.18 15.05 16.86
CA PHE B 214 -29.18 15.86 17.53
C PHE B 214 -29.85 17.05 18.20
N THR B 215 -29.56 17.26 19.48
CA THR B 215 -30.14 18.35 20.25
C THR B 215 -29.04 19.18 20.88
N LEU B 216 -29.19 20.50 20.84
CA LEU B 216 -28.29 21.43 21.48
C LEU B 216 -28.90 21.91 22.79
N LYS B 217 -28.16 21.74 23.88
CA LYS B 217 -28.64 22.07 25.22
C LYS B 217 -27.81 23.21 25.77
N ILE B 218 -28.43 24.38 25.93
CA ILE B 218 -27.80 25.52 26.57
C ILE B 218 -28.12 25.45 28.07
N SER B 219 -27.07 25.44 28.89
CA SER B 219 -27.27 25.25 30.33
C SER B 219 -27.84 26.50 30.99
N ARG B 220 -27.59 27.68 30.42
CA ARG B 220 -28.06 28.92 31.02
C ARG B 220 -28.15 29.98 29.93
N VAL B 221 -29.36 30.41 29.63
CA VAL B 221 -29.55 31.42 28.59
C VAL B 221 -29.19 32.79 29.14
N GLU B 222 -28.31 33.49 28.43
CA GLU B 222 -27.88 34.83 28.79
C GLU B 222 -28.40 35.84 27.76
N ALA B 223 -28.13 37.11 28.02
CA ALA B 223 -28.57 38.16 27.10
C ALA B 223 -27.87 38.04 25.74
N GLU B 224 -26.59 37.71 25.75
CA GLU B 224 -25.83 37.58 24.51
C GLU B 224 -26.20 36.34 23.72
N ASP B 225 -26.96 35.41 24.29
CA ASP B 225 -27.28 34.16 23.63
C ASP B 225 -28.39 34.29 22.60
N VAL B 226 -29.03 35.45 22.50
CA VAL B 226 -30.12 35.62 21.54
C VAL B 226 -29.58 35.56 20.12
N GLY B 227 -30.27 34.83 19.27
CA GLY B 227 -29.83 34.66 17.90
C GLY B 227 -30.42 33.40 17.30
N VAL B 228 -30.08 33.18 16.04
CA VAL B 228 -30.57 32.03 15.29
C VAL B 228 -29.53 30.92 15.35
N TYR B 229 -29.94 29.75 15.84
CA TYR B 229 -29.06 28.60 15.94
C TYR B 229 -29.36 27.65 14.79
N TYR B 230 -28.30 27.29 14.05
CA TYR B 230 -28.47 26.42 12.85
C TYR B 230 -27.74 25.11 13.02
N CYS B 231 -28.48 24.01 13.03
CA CYS B 231 -27.85 22.69 13.06
C CYS B 231 -27.35 22.38 11.65
N PHE B 232 -26.08 22.02 11.55
CA PHE B 232 -25.40 21.90 10.28
C PHE B 232 -24.80 20.51 10.14
N GLN B 233 -24.88 19.96 8.94
CA GLN B 233 -24.23 18.71 8.59
C GLN B 233 -23.26 18.94 7.44
N GLY B 234 -22.11 18.28 7.52
CA GLY B 234 -21.14 18.35 6.45
C GLY B 234 -20.72 16.97 5.99
N SER B 235 -21.37 15.94 6.52
CA SER B 235 -21.01 14.56 6.21
C SER B 235 -21.49 14.12 4.83
N HIS B 236 -22.43 14.84 4.22
CA HIS B 236 -22.92 14.53 2.89
C HIS B 236 -22.24 15.43 1.87
N ILE B 237 -22.43 15.09 0.59
CA ILE B 237 -21.78 15.86 -0.47
C ILE B 237 -22.20 17.31 -0.47
N PRO B 238 -23.49 17.67 -0.46
CA PRO B 238 -23.86 19.05 -0.18
C PRO B 238 -24.07 19.26 1.31
N PRO B 239 -23.26 20.10 1.94
CA PRO B 239 -23.55 20.48 3.33
C PRO B 239 -24.85 21.26 3.42
N THR B 240 -25.68 20.91 4.42
CA THR B 240 -26.98 21.53 4.60
C THR B 240 -27.13 22.00 6.04
N PHE B 241 -27.68 23.21 6.20
CA PHE B 241 -27.99 23.75 7.50
C PHE B 241 -29.45 23.45 7.85
N GLY B 242 -29.85 23.85 9.07
CA GLY B 242 -31.25 23.69 9.48
C GLY B 242 -31.97 25.01 9.30
N GLN B 243 -33.29 25.04 9.50
CA GLN B 243 -34.05 26.29 9.23
C GLN B 243 -33.57 27.39 10.20
N GLY B 244 -33.29 27.03 11.45
CA GLY B 244 -32.78 28.01 12.43
C GLY B 244 -33.83 28.42 13.44
N THR B 245 -33.56 28.24 14.74
CA THR B 245 -34.48 28.64 15.79
C THR B 245 -34.03 29.99 16.35
N LYS B 246 -34.88 31.01 16.23
CA LYS B 246 -34.56 32.34 16.73
C LYS B 246 -34.78 32.35 18.24
N VAL B 247 -33.73 32.03 18.99
CA VAL B 247 -33.82 32.07 20.44
C VAL B 247 -33.91 33.52 20.89
N GLU B 248 -34.95 33.82 21.68
CA GLU B 248 -35.22 35.18 22.09
C GLU B 248 -35.55 35.20 23.58
N ILE B 249 -35.32 36.36 24.20
CA ILE B 249 -35.60 36.53 25.62
C ILE B 249 -37.08 36.81 25.82
N LYS B 250 -37.67 36.17 26.82
CA LYS B 250 -39.08 36.37 27.11
C LYS B 250 -39.29 37.64 27.93
C1 NAG C . -8.01 13.09 0.99
C2 NAG C . -8.19 14.38 0.18
C3 NAG C . -9.50 14.22 -0.57
C4 NAG C . -9.63 12.87 -1.29
C5 NAG C . -8.98 11.69 -0.54
C6 NAG C . -8.74 10.47 -1.40
C7 NAG C . -7.28 16.56 0.91
C8 NAG C . -7.43 17.71 1.89
N2 NAG C . -8.18 15.55 1.03
O3 NAG C . -9.60 15.33 -1.43
O4 NAG C . -11.03 12.62 -1.38
O5 NAG C . -7.76 12.03 0.10
O6 NAG C . -8.06 9.49 -0.65
O7 NAG C . -6.39 16.54 0.08
C1 NAG C . -11.46 12.65 -2.75
C2 NAG C . -12.47 11.52 -2.95
C3 NAG C . -13.00 11.56 -4.38
C4 NAG C . -13.59 12.93 -4.65
C5 NAG C . -12.55 14.02 -4.36
C6 NAG C . -13.08 15.42 -4.57
C7 NAG C . -12.24 9.48 -1.62
C8 NAG C . -11.52 8.15 -1.51
N2 NAG C . -11.90 10.23 -2.68
O3 NAG C . -13.96 10.55 -4.49
O4 NAG C . -13.98 12.95 -6.01
O5 NAG C . -12.08 13.89 -3.02
O6 NAG C . -12.20 16.36 -3.99
O7 NAG C . -13.07 9.81 -0.78
C1 NAG D . 11.49 23.86 14.79
C2 NAG D . 10.85 23.36 16.10
C3 NAG D . 11.68 23.85 17.28
C4 NAG D . 13.13 23.43 17.11
C5 NAG D . 13.64 23.97 15.77
C6 NAG D . 15.08 23.62 15.46
C7 NAG D . 8.43 23.12 16.67
C8 NAG D . 8.73 21.70 17.10
N2 NAG D . 9.49 23.83 16.21
O3 NAG D . 11.12 23.33 18.46
O4 NAG D . 13.84 23.95 18.22
O5 NAG D . 12.84 23.45 14.75
O6 NAG D . 15.30 23.72 14.07
O7 NAG D . 7.31 23.58 16.73
C1 NAG D . 14.53 22.86 18.88
C2 NAG D . 15.74 23.45 19.61
C3 NAG D . 16.48 22.34 20.37
C4 NAG D . 15.51 21.55 21.24
C5 NAG D . 14.32 21.08 20.39
C6 NAG D . 13.28 20.28 21.16
C7 NAG D . 16.65 25.41 18.42
C8 NAG D . 17.67 25.86 17.40
N2 NAG D . 16.63 24.09 18.68
O3 NAG D . 17.50 22.93 21.13
O4 NAG D . 16.22 20.46 21.78
O5 NAG D . 13.70 22.21 19.81
O6 NAG D . 13.84 19.06 21.56
O7 NAG D . 15.90 26.21 18.97
C1 NAG E . 3.86 -4.15 2.02
C2 NAG E . 2.76 -4.80 2.87
C3 NAG E . 3.36 -5.34 4.17
C4 NAG E . 4.55 -6.25 3.87
C5 NAG E . 5.55 -5.49 2.99
C6 NAG E . 6.77 -6.29 2.62
C7 NAG E . 0.51 -3.87 2.52
C8 NAG E . -0.45 -2.80 2.97
N2 NAG E . 1.71 -3.87 3.15
O3 NAG E . 2.35 -6.03 4.86
O4 NAG E . 5.11 -6.63 5.09
O5 NAG E . 4.89 -5.07 1.80
O6 NAG E . 7.48 -6.64 3.78
O7 NAG E . 0.22 -4.66 1.63
C1 NAG F . 42.34 10.85 1.79
C2 NAG F . 41.95 12.25 1.30
C3 NAG F . 42.89 13.30 1.89
C4 NAG F . 43.02 13.13 3.41
C5 NAG F . 43.41 11.69 3.73
C6 NAG F . 43.56 11.40 5.20
C7 NAG F . 41.26 13.17 -0.89
C8 NAG F . 41.46 13.03 -2.38
N2 NAG F . 41.98 12.31 -0.13
O3 NAG F . 42.40 14.57 1.56
O4 NAG F . 44.00 14.04 3.85
O5 NAG F . 42.40 10.84 3.20
O6 NAG F . 42.33 11.60 5.85
O7 NAG F . 40.51 14.00 -0.42
#